data_4RV0
#
_entry.id   4RV0
#
_cell.length_a   80.146
_cell.length_b   83.141
_cell.length_c   162.495
_cell.angle_alpha   90.00
_cell.angle_beta   90.00
_cell.angle_gamma   90.00
#
_symmetry.space_group_name_H-M   'P 21 21 21'
#
loop_
_entity.id
_entity.type
_entity.pdbx_description
1 polymer 'Transitional endoplasmic reticulum ATPase TER94'
2 polymer 'Nuclear protein localization protein 4 homolog'
3 non-polymer 'SULFATE ION'
4 water water
#
loop_
_entity_poly.entity_id
_entity_poly.type
_entity_poly.pdbx_seq_one_letter_code
_entity_poly.pdbx_strand_id
1 'polypeptide(L)'
;GA(MSE)EPNRLIVEEAQNDDNSVVSLSQAK(MSE)DELQLFRGDTVILKGKRRKETVCIVLSDDTCPDEKIR(MSE)NR
VVRNNLCVHLSDVVSVQSCPDVKYGKRVRILPIDESTEGVTGNLFEIYLKPYFLEAYRPIH(MSE)GDNFIVRAA(MSE)
RPIEFKVVLTDPEPYCIVAPETVIFCDGDPI
;
A,C,E,G
2 'polypeptide(L)'
;GA(MSE)E(MSE)PNDKILIRVQSAEGIKRIEISPKSNLKHLYDSVQNALKVDGFGLFKERNFLTELQASGSQLVGTSLR
HGD(MSE)VYLKQ
;
B,D,F,H
#
loop_
_chem_comp.id
_chem_comp.type
_chem_comp.name
_chem_comp.formula
SO4 non-polymer 'SULFATE ION' 'O4 S -2'
#
# COMPACT_ATOMS: atom_id res chain seq x y z
N GLY A 1 -11.15 29.57 17.92
CA GLY A 1 -10.47 29.60 16.63
C GLY A 1 -9.77 30.91 16.37
N ALA A 2 -9.25 31.07 15.15
CA ALA A 2 -8.63 32.33 14.75
C ALA A 2 -9.67 33.44 14.67
N MSE A 3 -9.28 34.67 14.94
CA MSE A 3 -10.20 35.80 14.84
C MSE A 3 -10.43 36.20 13.37
O MSE A 3 -11.32 37.00 13.07
CB MSE A 3 -9.72 36.99 15.68
CG MSE A 3 -9.76 36.74 17.19
SE MSE A 3 -11.59 36.39 17.75
CE MSE A 3 -12.36 38.06 17.16
N GLU A 4 -9.63 35.65 12.46
CA GLU A 4 -9.88 35.80 11.02
C GLU A 4 -10.42 34.52 10.41
N PRO A 5 -11.49 34.65 9.62
CA PRO A 5 -12.16 33.49 9.05
C PRO A 5 -11.26 32.55 8.26
N ASN A 6 -10.23 33.07 7.60
CA ASN A 6 -9.45 32.22 6.69
C ASN A 6 -8.18 31.62 7.29
N ARG A 7 -7.99 31.85 8.59
CA ARG A 7 -6.93 31.19 9.33
C ARG A 7 -7.49 30.02 10.11
N LEU A 8 -6.88 28.85 9.88
CA LEU A 8 -7.39 27.60 10.42
C LEU A 8 -6.34 26.81 11.18
N ILE A 9 -6.79 26.14 12.22
CA ILE A 9 -5.92 25.31 13.04
C ILE A 9 -5.71 23.94 12.42
N VAL A 10 -4.45 23.58 12.21
CA VAL A 10 -4.08 22.36 11.48
C VAL A 10 -4.38 21.09 12.25
N GLU A 11 -5.05 20.16 11.57
CA GLU A 11 -5.41 18.86 12.12
C GLU A 11 -5.02 17.77 11.12
N GLU A 12 -4.83 16.55 11.61
CA GLU A 12 -4.44 15.44 10.74
C GLU A 12 -5.51 15.15 9.69
N ALA A 13 -5.09 14.74 8.51
CA ALA A 13 -6.02 14.34 7.46
C ALA A 13 -6.58 12.94 7.71
N GLN A 14 -7.84 12.74 7.37
CA GLN A 14 -8.46 11.42 7.38
C GLN A 14 -8.12 10.74 6.04
N ASN A 15 -8.11 11.56 5.00
CA ASN A 15 -7.81 11.13 3.65
C ASN A 15 -6.35 11.45 3.32
N ASP A 16 -5.52 10.41 3.25
CA ASP A 16 -4.11 10.59 2.93
C ASP A 16 -3.91 10.87 1.45
N ASP A 17 -3.94 12.16 1.10
CA ASP A 17 -3.74 12.60 -0.28
C ASP A 17 -2.92 13.89 -0.22
N ASN A 18 -1.72 13.85 -0.81
CA ASN A 18 -0.82 15.01 -0.84
C ASN A 18 -1.43 16.25 -1.46
N SER A 19 -2.49 16.10 -2.24
CA SER A 19 -3.02 17.22 -3.00
C SER A 19 -4.23 17.88 -2.38
N VAL A 20 -4.73 17.34 -1.27
CA VAL A 20 -6.04 17.74 -0.77
C VAL A 20 -6.00 18.42 0.61
N VAL A 21 -6.76 19.50 0.78
CA VAL A 21 -7.10 20.00 2.11
C VAL A 21 -8.60 19.90 2.34
N SER A 22 -9.00 19.64 3.58
CA SER A 22 -10.41 19.50 3.90
C SER A 22 -10.84 20.54 4.91
N LEU A 23 -12.03 21.11 4.69
CA LEU A 23 -12.64 22.06 5.58
C LEU A 23 -14.06 21.60 5.82
N SER A 24 -14.70 22.12 6.85
CA SER A 24 -16.13 21.87 7.02
C SER A 24 -16.89 22.62 5.93
N GLN A 25 -18.06 22.13 5.55
CA GLN A 25 -18.87 22.85 4.57
C GLN A 25 -19.20 24.26 5.06
N ALA A 26 -19.47 24.39 6.37
CA ALA A 26 -19.81 25.70 6.93
C ALA A 26 -18.66 26.69 6.74
N LYS A 27 -17.43 26.25 7.01
CA LYS A 27 -16.29 27.12 6.76
C LYS A 27 -16.16 27.49 5.28
N MSE A 28 -16.33 26.49 4.42
CA MSE A 28 -16.30 26.72 2.97
C MSE A 28 -17.39 27.72 2.56
O MSE A 28 -17.14 28.62 1.75
CB MSE A 28 -16.43 25.39 2.21
CG MSE A 28 -15.19 24.51 2.32
SE MSE A 28 -15.44 22.73 1.56
CE MSE A 28 -15.68 23.21 -0.36
N ASP A 29 -18.61 27.56 3.10
CA ASP A 29 -19.69 28.53 2.85
C ASP A 29 -19.25 29.92 3.25
N GLU A 30 -18.63 30.02 4.43
CA GLU A 30 -18.17 31.31 4.97
C GLU A 30 -17.11 31.99 4.11
N LEU A 31 -16.18 31.22 3.57
CA LEU A 31 -15.07 31.77 2.80
C LEU A 31 -15.36 31.79 1.32
N GLN A 32 -16.51 31.23 0.94
CA GLN A 32 -16.89 31.09 -0.46
C GLN A 32 -15.83 30.32 -1.27
N LEU A 33 -15.50 29.13 -0.76
CA LEU A 33 -14.67 28.15 -1.44
C LEU A 33 -15.56 26.99 -1.83
N PHE A 34 -15.24 26.36 -2.96
CA PHE A 34 -16.11 25.31 -3.46
C PHE A 34 -15.33 24.06 -3.77
N ARG A 35 -16.05 22.94 -3.79
CA ARG A 35 -15.46 21.63 -4.01
C ARG A 35 -14.58 21.63 -5.27
N GLY A 36 -13.31 21.29 -5.10
CA GLY A 36 -12.41 21.20 -6.24
C GLY A 36 -11.69 22.50 -6.56
N ASP A 37 -12.00 23.57 -5.84
CA ASP A 37 -11.23 24.81 -5.96
C ASP A 37 -9.75 24.57 -5.69
N THR A 38 -8.89 25.20 -6.49
CA THR A 38 -7.49 25.31 -6.13
C THR A 38 -7.34 26.41 -5.08
N VAL A 39 -6.64 26.09 -3.99
CA VAL A 39 -6.39 27.09 -2.94
C VAL A 39 -4.91 27.25 -2.64
N ILE A 40 -4.52 28.47 -2.33
CA ILE A 40 -3.15 28.76 -1.93
C ILE A 40 -3.12 28.78 -0.40
N LEU A 41 -2.20 28.01 0.16
CA LEU A 41 -2.06 27.95 1.62
C LEU A 41 -0.80 28.64 2.04
N LYS A 42 -0.84 29.34 3.16
CA LYS A 42 0.33 30.01 3.65
C LYS A 42 0.63 29.60 5.06
N GLY A 43 1.87 29.16 5.31
CA GLY A 43 2.26 28.72 6.65
C GLY A 43 3.38 29.59 7.20
N LYS A 44 4.32 28.94 7.89
CA LYS A 44 5.46 29.63 8.48
C LYS A 44 6.59 29.79 7.48
N ARG A 45 7.57 30.63 7.85
CA ARG A 45 8.79 30.87 7.06
C ARG A 45 8.44 31.28 5.63
N ARG A 46 7.35 32.02 5.49
CA ARG A 46 6.86 32.50 4.20
C ARG A 46 6.55 31.41 3.17
N LYS A 47 6.40 30.16 3.64
CA LYS A 47 6.08 29.04 2.74
C LYS A 47 4.65 29.11 2.20
N GLU A 48 4.49 28.77 0.93
CA GLU A 48 3.16 28.59 0.35
C GLU A 48 3.12 27.29 -0.45
N THR A 49 1.93 26.74 -0.60
CA THR A 49 1.72 25.58 -1.43
C THR A 49 0.29 25.62 -1.93
N VAL A 50 -0.01 24.87 -2.98
CA VAL A 50 -1.36 24.80 -3.53
C VAL A 50 -2.00 23.43 -3.32
N CYS A 51 -3.26 23.43 -2.93
CA CYS A 51 -4.03 22.19 -2.80
C CYS A 51 -5.41 22.34 -3.42
N ILE A 52 -6.10 21.21 -3.47
CA ILE A 52 -7.49 21.15 -3.86
C ILE A 52 -8.27 21.07 -2.57
N VAL A 53 -9.33 21.87 -2.45
CA VAL A 53 -10.14 21.87 -1.24
C VAL A 53 -11.41 21.01 -1.38
N LEU A 54 -11.64 20.15 -0.39
CA LEU A 54 -12.83 19.30 -0.34
C LEU A 54 -13.53 19.43 1.02
N SER A 55 -14.85 19.30 1.02
CA SER A 55 -15.59 19.32 2.27
C SER A 55 -15.34 18.05 3.07
N ASP A 56 -15.43 18.16 4.39
CA ASP A 56 -15.27 17.01 5.27
C ASP A 56 -16.29 17.20 6.37
N ASP A 57 -17.22 16.26 6.41
CA ASP A 57 -18.39 16.34 7.28
C ASP A 57 -18.10 16.25 8.78
N THR A 58 -16.90 15.81 9.12
CA THR A 58 -16.49 15.74 10.52
C THR A 58 -15.40 16.72 10.93
N CYS A 59 -15.00 17.61 10.01
CA CYS A 59 -13.98 18.61 10.31
C CYS A 59 -14.58 19.76 11.11
N PRO A 60 -14.02 20.07 12.30
CA PRO A 60 -14.52 21.22 13.07
C PRO A 60 -14.33 22.49 12.25
N ASP A 61 -15.26 23.43 12.38
CA ASP A 61 -15.28 24.63 11.57
C ASP A 61 -13.97 25.39 11.54
N GLU A 62 -13.32 25.51 12.70
CA GLU A 62 -12.09 26.32 12.79
C GLU A 62 -10.83 25.55 12.48
N LYS A 63 -10.99 24.32 11.98
CA LYS A 63 -9.83 23.49 11.69
C LYS A 63 -9.69 23.16 10.19
N ILE A 64 -8.48 22.82 9.80
CA ILE A 64 -8.19 22.36 8.46
C ILE A 64 -7.43 21.05 8.50
N ARG A 65 -7.84 20.08 7.69
CA ARG A 65 -7.19 18.79 7.70
C ARG A 65 -6.29 18.64 6.49
N MSE A 66 -5.04 18.25 6.77
CA MSE A 66 -4.03 18.07 5.71
C MSE A 66 -3.02 17.04 6.20
O MSE A 66 -2.79 16.91 7.42
CB MSE A 66 -3.35 19.40 5.42
CG MSE A 66 -2.88 20.10 6.69
SE MSE A 66 -1.80 21.70 6.44
CE MSE A 66 -3.10 22.76 5.48
N ASN A 67 -2.41 16.30 5.29
CA ASN A 67 -1.44 15.29 5.70
C ASN A 67 -0.06 15.92 5.95
N ARG A 68 0.90 15.09 6.33
CA ARG A 68 2.24 15.56 6.70
C ARG A 68 2.97 16.22 5.53
N VAL A 69 2.80 15.64 4.35
CA VAL A 69 3.39 16.22 3.14
C VAL A 69 3.02 17.68 2.98
N VAL A 70 1.74 17.98 3.10
CA VAL A 70 1.28 19.36 3.00
C VAL A 70 1.80 20.19 4.18
N ARG A 71 1.72 19.64 5.39
CA ARG A 71 2.21 20.35 6.57
C ARG A 71 3.68 20.76 6.45
N ASN A 72 4.47 19.82 5.93
CA ASN A 72 5.90 20.02 5.72
C ASN A 72 6.19 21.12 4.71
N ASN A 73 5.42 21.12 3.63
CA ASN A 73 5.53 22.17 2.61
C ASN A 73 5.19 23.55 3.17
N LEU A 74 4.42 23.56 4.26
CA LEU A 74 4.01 24.81 4.90
C LEU A 74 4.83 25.11 6.15
N CYS A 75 5.77 24.21 6.48
CA CYS A 75 6.56 24.33 7.71
C CYS A 75 5.72 24.52 8.96
N VAL A 76 4.62 23.77 9.05
CA VAL A 76 3.79 23.80 10.25
C VAL A 76 3.68 22.41 10.85
N HIS A 77 3.32 22.38 12.13
CA HIS A 77 2.99 21.15 12.83
C HIS A 77 1.47 21.06 13.05
N LEU A 78 0.98 19.91 13.50
CA LEU A 78 -0.39 19.83 14.00
C LEU A 78 -0.59 20.91 15.06
N SER A 79 -1.78 21.52 15.05
CA SER A 79 -2.14 22.64 15.92
C SER A 79 -1.45 23.98 15.63
N ASP A 80 -0.67 24.07 14.55
CA ASP A 80 -0.27 25.39 14.08
C ASP A 80 -1.40 25.99 13.25
N VAL A 81 -1.19 27.19 12.73
CA VAL A 81 -2.26 27.90 12.04
C VAL A 81 -1.78 28.23 10.63
N VAL A 82 -2.64 27.99 9.64
CA VAL A 82 -2.36 28.36 8.25
C VAL A 82 -3.53 29.16 7.71
N SER A 83 -3.29 29.89 6.64
CA SER A 83 -4.36 30.61 5.98
C SER A 83 -4.71 29.90 4.68
N VAL A 84 -5.96 30.05 4.24
CA VAL A 84 -6.40 29.42 3.00
C VAL A 84 -7.15 30.45 2.18
N GLN A 85 -6.80 30.54 0.89
CA GLN A 85 -7.41 31.50 -0.02
C GLN A 85 -7.63 30.85 -1.38
N SER A 86 -8.71 31.21 -2.06
CA SER A 86 -8.88 30.74 -3.42
C SER A 86 -7.73 31.25 -4.29
N CYS A 87 -7.26 30.40 -5.17
CA CYS A 87 -6.16 30.71 -6.06
C CYS A 87 -6.63 30.44 -7.48
N PRO A 88 -7.01 31.50 -8.21
CA PRO A 88 -7.68 31.34 -9.50
C PRO A 88 -6.76 31.14 -10.69
N ASP A 89 -5.44 31.27 -10.53
CA ASP A 89 -4.56 31.28 -11.69
C ASP A 89 -3.60 30.09 -11.74
N VAL A 90 -4.04 28.93 -11.29
CA VAL A 90 -3.18 27.74 -11.31
C VAL A 90 -3.30 27.13 -12.69
N LYS A 91 -2.41 27.53 -13.58
CA LYS A 91 -2.49 27.12 -14.98
C LYS A 91 -2.04 25.68 -15.18
N TYR A 92 -2.50 25.09 -16.28
CA TYR A 92 -2.05 23.75 -16.63
C TYR A 92 -0.57 23.80 -16.98
N GLY A 93 0.19 22.88 -16.41
CA GLY A 93 1.63 22.87 -16.60
C GLY A 93 2.01 22.48 -18.01
N LYS A 94 2.96 23.22 -18.58
CA LYS A 94 3.51 22.82 -19.85
C LYS A 94 4.63 21.83 -19.64
N ARG A 95 5.58 22.23 -18.80
CA ARG A 95 6.73 21.41 -18.49
C ARG A 95 7.06 21.64 -17.02
N VAL A 96 7.47 20.58 -16.32
CA VAL A 96 7.88 20.67 -14.93
C VAL A 96 9.13 19.80 -14.71
N ARG A 97 10.00 20.24 -13.80
CA ARG A 97 11.14 19.42 -13.43
C ARG A 97 11.03 18.95 -11.99
N ILE A 98 10.99 17.64 -11.83
CA ILE A 98 10.77 17.00 -10.53
C ILE A 98 11.86 15.99 -10.29
N LEU A 99 12.57 16.14 -9.17
CA LEU A 99 13.73 15.31 -8.91
C LEU A 99 13.64 14.60 -7.56
N PRO A 100 14.16 13.37 -7.48
CA PRO A 100 14.19 12.63 -6.21
C PRO A 100 15.16 13.31 -5.26
N ILE A 101 14.91 13.21 -3.96
CA ILE A 101 15.73 13.94 -2.98
C ILE A 101 17.05 13.24 -2.68
N ASP A 102 17.01 12.18 -1.88
CA ASP A 102 18.23 11.53 -1.43
C ASP A 102 18.01 10.05 -1.11
N ASN A 111 12.23 4.65 -15.16
CA ASN A 111 12.01 4.01 -13.88
C ASN A 111 11.27 4.95 -12.90
N LEU A 112 11.87 6.09 -12.60
CA LEU A 112 11.22 7.03 -11.69
C LEU A 112 9.90 7.55 -12.27
N PHE A 113 9.92 7.88 -13.57
CA PHE A 113 8.70 8.31 -14.22
C PHE A 113 7.68 7.18 -14.28
N GLU A 114 8.11 6.03 -14.75
CA GLU A 114 7.22 4.88 -14.95
C GLU A 114 6.63 4.32 -13.67
N ILE A 115 7.46 4.17 -12.64
CA ILE A 115 7.03 3.52 -11.41
C ILE A 115 6.36 4.50 -10.43
N TYR A 116 6.93 5.70 -10.31
CA TYR A 116 6.48 6.67 -9.31
C TYR A 116 5.61 7.79 -9.87
N LEU A 117 6.21 8.63 -10.69
CA LEU A 117 5.55 9.90 -11.06
C LEU A 117 4.34 9.72 -11.95
N LYS A 118 4.44 8.89 -12.98
CA LYS A 118 3.28 8.70 -13.85
C LYS A 118 2.02 8.23 -13.12
N PRO A 119 2.08 7.10 -12.40
CA PRO A 119 0.87 6.70 -11.69
C PRO A 119 0.40 7.71 -10.65
N TYR A 120 1.33 8.39 -9.99
CA TYR A 120 0.99 9.43 -9.01
C TYR A 120 0.14 10.55 -9.63
N PHE A 121 0.55 11.01 -10.81
CA PHE A 121 -0.11 12.13 -11.47
C PHE A 121 -1.27 11.77 -12.41
N LEU A 122 -1.26 10.56 -12.96
CA LEU A 122 -2.19 10.16 -14.04
C LEU A 122 -3.65 10.46 -13.74
N GLU A 123 -4.23 11.37 -14.52
CA GLU A 123 -5.65 11.76 -14.43
C GLU A 123 -6.03 12.33 -13.07
N ALA A 124 -5.05 12.74 -12.28
CA ALA A 124 -5.33 13.29 -10.94
C ALA A 124 -5.40 14.81 -10.90
N TYR A 125 -4.87 15.48 -11.92
CA TYR A 125 -4.90 16.95 -11.96
C TYR A 125 -4.39 17.61 -10.65
N ARG A 126 -3.28 17.10 -10.14
CA ARG A 126 -2.63 17.61 -8.95
C ARG A 126 -2.01 18.97 -9.16
N PRO A 127 -2.25 19.89 -8.23
CA PRO A 127 -1.49 21.14 -8.27
C PRO A 127 -0.13 20.92 -7.64
N ILE A 128 0.91 21.55 -8.15
CA ILE A 128 2.21 21.47 -7.50
C ILE A 128 2.78 22.87 -7.49
N HIS A 129 3.68 23.13 -6.54
CA HIS A 129 4.26 24.43 -6.36
C HIS A 129 5.75 24.21 -6.34
N MSE A 130 6.49 25.08 -7.02
CA MSE A 130 7.94 25.08 -6.93
C MSE A 130 8.37 25.13 -5.46
O MSE A 130 7.79 25.87 -4.66
CB MSE A 130 8.52 26.25 -7.72
CG MSE A 130 8.33 26.08 -9.22
SE MSE A 130 9.03 27.58 -10.27
CE MSE A 130 10.85 27.66 -9.54
N GLY A 131 9.36 24.29 -5.13
CA GLY A 131 9.80 24.14 -3.75
C GLY A 131 9.07 23.05 -2.95
N ASP A 132 7.90 22.61 -3.43
CA ASP A 132 7.18 21.49 -2.81
C ASP A 132 8.07 20.27 -2.72
N ASN A 133 8.02 19.57 -1.59
CA ASN A 133 8.45 18.19 -1.53
C ASN A 133 7.20 17.31 -1.45
N PHE A 134 7.26 16.12 -2.01
CA PHE A 134 6.15 15.18 -1.85
C PHE A 134 6.62 13.75 -1.88
N ILE A 135 5.84 12.88 -1.27
CA ILE A 135 6.21 11.47 -1.18
C ILE A 135 5.28 10.63 -1.99
N VAL A 136 5.86 9.77 -2.83
CA VAL A 136 5.11 8.80 -3.60
C VAL A 136 5.42 7.41 -3.06
N ARG A 137 4.37 6.68 -2.73
CA ARG A 137 4.54 5.39 -2.09
C ARG A 137 4.23 4.33 -3.13
N ALA A 138 5.26 3.81 -3.78
CA ALA A 138 5.03 2.88 -4.89
C ALA A 138 6.10 1.82 -4.93
N ALA A 139 5.86 0.76 -5.71
CA ALA A 139 6.76 -0.41 -5.74
C ALA A 139 7.07 -0.89 -4.32
N MSE A 140 8.32 -0.70 -3.92
CA MSE A 140 8.98 -1.49 -2.91
C MSE A 140 9.68 -0.53 -1.96
O MSE A 140 10.40 -0.94 -1.05
CB MSE A 140 10.03 -2.28 -3.69
CG MSE A 140 10.66 -3.46 -3.07
SE MSE A 140 11.49 -4.39 -4.59
CE MSE A 140 12.61 -3.00 -5.29
N ARG A 141 9.49 0.75 -2.22
CA ARG A 141 10.24 1.79 -1.56
C ARG A 141 9.53 3.15 -1.75
N PRO A 142 9.32 3.89 -0.67
CA PRO A 142 8.79 5.25 -0.84
C PRO A 142 9.90 6.16 -1.32
N ILE A 143 9.55 7.13 -2.15
CA ILE A 143 10.52 8.13 -2.61
C ILE A 143 9.98 9.52 -2.45
N GLU A 144 10.79 10.40 -1.88
CA GLU A 144 10.42 11.80 -1.73
C GLU A 144 10.98 12.60 -2.91
N PHE A 145 10.15 13.45 -3.50
CA PHE A 145 10.58 14.25 -4.65
C PHE A 145 10.52 15.73 -4.35
N LYS A 146 11.29 16.52 -5.11
CA LYS A 146 11.20 17.96 -5.02
C LYS A 146 10.78 18.55 -6.36
N VAL A 147 9.89 19.54 -6.29
CA VAL A 147 9.48 20.28 -7.47
C VAL A 147 10.50 21.37 -7.71
N VAL A 148 11.40 21.14 -8.65
CA VAL A 148 12.48 22.08 -8.90
C VAL A 148 12.00 23.27 -9.75
N LEU A 149 11.28 22.97 -10.83
CA LEU A 149 10.79 24.01 -11.73
C LEU A 149 9.43 23.67 -12.30
N THR A 150 8.62 24.70 -12.52
CA THR A 150 7.40 24.55 -13.29
C THR A 150 7.33 25.65 -14.35
N ASP A 151 6.69 25.32 -15.47
CA ASP A 151 6.39 26.32 -16.50
C ASP A 151 4.94 26.12 -16.88
N PRO A 152 4.09 27.08 -16.51
CA PRO A 152 4.43 28.35 -15.84
C PRO A 152 4.86 28.29 -14.37
N GLU A 153 5.42 29.40 -13.89
CA GLU A 153 5.84 29.54 -12.50
C GLU A 153 4.77 30.31 -11.74
N PRO A 154 4.71 30.15 -10.39
CA PRO A 154 5.49 29.25 -9.53
C PRO A 154 4.72 27.98 -9.17
N TYR A 155 3.58 27.82 -9.81
CA TYR A 155 2.73 26.66 -9.56
C TYR A 155 1.94 26.34 -10.80
N CYS A 156 1.45 25.11 -10.87
CA CYS A 156 0.69 24.69 -12.02
C CYS A 156 -0.08 23.42 -11.70
N ILE A 157 -1.00 23.05 -12.60
CA ILE A 157 -1.63 21.74 -12.56
C ILE A 157 -0.82 20.78 -13.43
N VAL A 158 -0.51 19.60 -12.90
CA VAL A 158 0.04 18.52 -13.74
C VAL A 158 -1.12 17.86 -14.50
N ALA A 159 -1.26 18.25 -15.76
CA ALA A 159 -2.39 17.91 -16.62
C ALA A 159 -1.95 16.88 -17.67
N PRO A 160 -2.89 16.34 -18.47
CA PRO A 160 -2.44 15.36 -19.47
C PRO A 160 -1.41 15.93 -20.46
N GLU A 161 -1.47 17.23 -20.73
CA GLU A 161 -0.53 17.87 -21.66
C GLU A 161 0.84 18.16 -21.02
N THR A 162 0.95 17.95 -19.72
CA THR A 162 2.18 18.31 -19.00
C THR A 162 3.34 17.35 -19.29
N VAL A 163 4.55 17.88 -19.43
CA VAL A 163 5.74 17.04 -19.63
C VAL A 163 6.67 17.06 -18.41
N ILE A 164 6.95 15.87 -17.88
CA ILE A 164 7.77 15.80 -16.67
C ILE A 164 9.21 15.46 -17.00
N PHE A 165 10.11 16.34 -16.59
CA PHE A 165 11.54 16.09 -16.69
C PHE A 165 11.98 15.64 -15.31
N CYS A 166 12.37 14.38 -15.21
CA CYS A 166 12.73 13.79 -13.93
C CYS A 166 14.12 13.12 -13.85
N ASP A 167 15.07 13.60 -14.65
CA ASP A 167 16.41 13.02 -14.79
C ASP A 167 17.42 13.92 -15.49
N ASP B 8 -29.39 38.07 -5.93
CA ASP B 8 -29.91 37.37 -7.09
C ASP B 8 -28.87 36.47 -7.76
N LYS B 9 -27.67 37.02 -8.00
CA LYS B 9 -26.64 36.30 -8.77
C LYS B 9 -26.04 35.04 -8.13
N ILE B 10 -25.68 34.08 -8.98
CA ILE B 10 -24.96 32.90 -8.53
C ILE B 10 -23.54 32.87 -9.08
N LEU B 11 -22.73 31.94 -8.58
CA LEU B 11 -21.35 31.81 -9.01
C LEU B 11 -21.20 30.59 -9.89
N ILE B 12 -20.69 30.80 -11.10
CA ILE B 12 -20.31 29.67 -11.97
C ILE B 12 -18.81 29.69 -12.15
N ARG B 13 -18.17 28.55 -11.91
CA ARG B 13 -16.73 28.47 -12.02
C ARG B 13 -16.35 27.84 -13.36
N VAL B 14 -15.45 28.51 -14.06
CA VAL B 14 -15.03 28.01 -15.36
C VAL B 14 -13.58 27.54 -15.32
N GLN B 15 -13.39 26.23 -15.43
CA GLN B 15 -12.06 25.65 -15.50
C GLN B 15 -11.51 25.68 -16.92
N SER B 16 -10.38 26.32 -17.09
CA SER B 16 -9.65 26.26 -18.36
C SER B 16 -8.17 25.95 -18.06
N ALA B 17 -7.34 25.92 -19.10
CA ALA B 17 -5.90 25.73 -18.89
C ALA B 17 -5.25 26.93 -18.22
N GLU B 18 -5.96 28.07 -18.18
CA GLU B 18 -5.44 29.27 -17.52
C GLU B 18 -5.82 29.37 -16.05
N GLY B 19 -6.67 28.45 -15.60
CA GLY B 19 -7.05 28.43 -14.20
C GLY B 19 -8.55 28.32 -14.00
N ILE B 20 -9.04 28.81 -12.87
CA ILE B 20 -10.46 28.74 -12.56
C ILE B 20 -11.06 30.13 -12.43
N LYS B 21 -11.84 30.52 -13.43
CA LYS B 21 -12.41 31.86 -13.51
C LYS B 21 -13.79 31.86 -12.90
N ARG B 22 -14.02 32.78 -11.98
CA ARG B 22 -15.32 32.90 -11.32
C ARG B 22 -16.24 33.85 -12.07
N ILE B 23 -17.41 33.34 -12.46
CA ILE B 23 -18.40 34.15 -13.15
C ILE B 23 -19.63 34.32 -12.27
N GLU B 24 -19.95 35.56 -11.92
CA GLU B 24 -21.19 35.85 -11.20
C GLU B 24 -22.27 36.21 -12.22
N ILE B 25 -23.39 35.49 -12.17
CA ILE B 25 -24.44 35.63 -13.17
C ILE B 25 -25.81 35.28 -12.57
N SER B 26 -26.85 35.97 -13.03
CA SER B 26 -28.20 35.66 -12.61
C SER B 26 -28.58 34.28 -13.14
N PRO B 27 -29.15 33.44 -12.27
CA PRO B 27 -29.64 32.11 -12.66
C PRO B 27 -30.81 32.20 -13.64
N LYS B 28 -31.41 33.38 -13.75
CA LYS B 28 -32.49 33.59 -14.70
C LYS B 28 -31.92 34.09 -16.02
N SER B 29 -30.60 34.27 -16.09
CA SER B 29 -29.99 34.53 -17.39
C SER B 29 -29.98 33.25 -18.19
N ASN B 30 -29.69 33.40 -19.47
CA ASN B 30 -29.66 32.29 -20.37
C ASN B 30 -28.23 31.83 -20.61
N LEU B 31 -28.07 30.64 -21.17
CA LEU B 31 -26.73 30.09 -21.41
C LEU B 31 -25.87 30.92 -22.36
N LYS B 32 -26.47 31.58 -23.36
CA LYS B 32 -25.69 32.45 -24.24
C LYS B 32 -25.04 33.57 -23.46
N HIS B 33 -25.75 34.12 -22.49
CA HIS B 33 -25.16 35.18 -21.68
C HIS B 33 -23.96 34.68 -20.91
N LEU B 34 -24.01 33.43 -20.46
CA LEU B 34 -22.87 32.81 -19.78
C LEU B 34 -21.69 32.76 -20.74
N TYR B 35 -21.95 32.30 -21.96
CA TYR B 35 -20.92 32.25 -22.99
C TYR B 35 -20.35 33.64 -23.28
N ASP B 36 -21.23 34.63 -23.41
CA ASP B 36 -20.80 36.00 -23.63
C ASP B 36 -19.97 36.51 -22.46
N SER B 37 -20.41 36.19 -21.24
CA SER B 37 -19.68 36.57 -20.03
C SER B 37 -18.28 35.97 -20.02
N VAL B 38 -18.17 34.70 -20.38
CA VAL B 38 -16.88 34.05 -20.42
C VAL B 38 -15.96 34.69 -21.45
N GLN B 39 -16.49 34.97 -22.63
CA GLN B 39 -15.73 35.59 -23.71
C GLN B 39 -15.11 36.92 -23.31
N ASN B 40 -15.90 37.75 -22.63
CA ASN B 40 -15.46 39.05 -22.16
C ASN B 40 -14.43 38.96 -21.01
N ALA B 41 -14.50 37.88 -20.23
CA ALA B 41 -13.60 37.70 -19.09
C ALA B 41 -12.26 37.04 -19.48
N LEU B 42 -12.27 36.28 -20.57
CA LEU B 42 -11.11 35.50 -20.98
C LEU B 42 -10.57 35.91 -22.34
N LYS B 43 -9.32 35.59 -22.58
CA LYS B 43 -8.72 35.71 -23.90
C LYS B 43 -8.85 34.40 -24.63
N VAL B 44 -10.03 34.13 -25.21
CA VAL B 44 -10.21 32.88 -25.96
C VAL B 44 -10.80 33.06 -27.37
N ASP B 45 -10.61 32.01 -28.17
CA ASP B 45 -11.17 31.89 -29.51
C ASP B 45 -12.37 30.96 -29.35
N GLY B 46 -12.83 30.34 -30.44
CA GLY B 46 -13.89 29.36 -30.37
C GLY B 46 -13.77 28.36 -29.22
N PHE B 47 -14.63 28.48 -28.21
CA PHE B 47 -14.62 27.54 -27.09
C PHE B 47 -15.96 26.87 -26.89
N GLY B 48 -15.95 25.71 -26.26
CA GLY B 48 -17.17 25.10 -25.75
C GLY B 48 -17.10 25.01 -24.23
N LEU B 49 -18.26 25.04 -23.59
CA LEU B 49 -18.36 24.83 -22.15
C LEU B 49 -19.05 23.50 -21.89
N PHE B 50 -18.48 22.72 -20.98
CA PHE B 50 -18.95 21.37 -20.71
C PHE B 50 -19.18 21.13 -19.23
N LYS B 51 -20.09 20.21 -18.95
CA LYS B 51 -20.50 19.92 -17.58
C LYS B 51 -19.46 19.10 -16.83
N GLU B 52 -18.63 18.39 -17.59
CA GLU B 52 -17.64 17.54 -16.98
C GLU B 52 -16.28 17.72 -17.63
N ARG B 53 -15.23 17.37 -16.90
CA ARG B 53 -13.87 17.64 -17.30
C ARG B 53 -13.50 16.90 -18.56
N ASN B 54 -14.20 15.81 -18.82
CA ASN B 54 -13.96 14.99 -20.00
C ASN B 54 -14.70 15.46 -21.25
N PHE B 55 -15.44 16.56 -21.14
CA PHE B 55 -16.07 17.23 -22.28
C PHE B 55 -17.15 16.39 -23.00
N LEU B 56 -18.08 15.79 -22.29
CA LEU B 56 -19.12 15.02 -22.99
C LEU B 56 -20.41 15.81 -23.18
N THR B 57 -20.90 16.36 -22.08
CA THR B 57 -22.16 17.07 -22.12
C THR B 57 -21.89 18.55 -22.36
N GLU B 58 -22.10 18.99 -23.60
CA GLU B 58 -21.91 20.39 -23.93
C GLU B 58 -23.09 21.23 -23.46
N LEU B 59 -22.79 22.37 -22.87
CA LEU B 59 -23.75 23.41 -22.60
C LEU B 59 -24.03 24.16 -23.91
N GLN B 60 -25.29 24.27 -24.29
CA GLN B 60 -25.64 24.92 -25.56
C GLN B 60 -25.68 26.45 -25.46
N ALA B 61 -24.92 27.14 -26.31
CA ALA B 61 -25.00 28.59 -26.40
C ALA B 61 -26.41 29.04 -26.79
N SER B 62 -27.22 29.42 -25.79
CA SER B 62 -28.66 29.68 -25.89
C SER B 62 -29.09 30.84 -26.89
N GLY B 63 -30.01 31.80 -26.66
CA GLY B 63 -30.71 32.21 -25.45
C GLY B 63 -31.93 31.36 -25.18
N SER B 64 -32.33 31.34 -23.90
CA SER B 64 -33.46 30.61 -23.36
C SER B 64 -33.20 29.09 -23.33
N GLN B 65 -32.15 28.75 -22.59
CA GLN B 65 -32.11 27.61 -21.70
C GLN B 65 -31.57 28.44 -20.57
N LEU B 66 -32.18 28.39 -19.40
CA LEU B 66 -31.71 29.32 -18.39
C LEU B 66 -30.52 28.72 -17.68
N VAL B 67 -29.64 29.60 -17.21
CA VAL B 67 -28.51 29.21 -16.40
C VAL B 67 -28.99 28.33 -15.26
N GLY B 68 -30.02 28.80 -14.56
CA GLY B 68 -30.53 28.10 -13.39
C GLY B 68 -31.19 26.74 -13.59
N THR B 69 -31.54 26.40 -14.82
CA THR B 69 -32.15 25.09 -15.04
C THR B 69 -31.09 23.99 -15.10
N SER B 70 -29.91 24.31 -15.64
CA SER B 70 -28.83 23.32 -15.75
C SER B 70 -27.71 23.49 -14.72
N LEU B 71 -27.67 24.64 -14.05
CA LEU B 71 -26.54 24.93 -13.16
C LEU B 71 -26.99 25.43 -11.80
N ARG B 72 -26.20 25.07 -10.79
CA ARG B 72 -26.41 25.53 -9.43
C ARG B 72 -25.25 26.40 -8.96
N HIS B 73 -25.52 27.24 -7.97
CA HIS B 73 -24.50 28.09 -7.36
C HIS B 73 -23.24 27.30 -7.01
N GLY B 74 -22.09 27.75 -7.51
CA GLY B 74 -20.82 27.10 -7.21
C GLY B 74 -20.46 25.96 -8.14
N ASP B 75 -21.32 25.62 -9.11
CA ASP B 75 -20.98 24.57 -10.06
C ASP B 75 -19.77 24.96 -10.89
N MSE B 76 -18.96 23.98 -11.26
CA MSE B 76 -17.84 24.22 -12.14
C MSE B 76 -18.15 23.66 -13.52
O MSE B 76 -18.61 22.52 -13.65
CB MSE B 76 -16.57 23.58 -11.59
CG MSE B 76 -15.33 23.92 -12.38
SE MSE B 76 -13.78 24.24 -11.20
CE MSE B 76 -13.64 22.45 -10.43
N VAL B 77 -17.90 24.45 -14.56
CA VAL B 77 -17.95 23.95 -15.92
C VAL B 77 -16.54 23.95 -16.51
N TYR B 78 -16.37 23.28 -17.64
CA TYR B 78 -15.05 23.01 -18.21
C TYR B 78 -14.96 23.57 -19.61
N LEU B 79 -13.96 24.40 -19.81
CA LEU B 79 -13.78 25.07 -21.09
C LEU B 79 -12.90 24.24 -22.02
N LYS B 80 -13.40 24.03 -23.23
CA LYS B 80 -12.67 23.35 -24.29
C LYS B 80 -12.49 24.27 -25.50
N GLN B 81 -11.25 24.51 -25.91
CA GLN B 81 -11.02 25.29 -27.11
C GLN B 81 -11.06 24.40 -28.35
N GLY C 1 9.38 -10.02 4.87
CA GLY C 1 10.14 -9.27 5.87
C GLY C 1 11.61 -9.30 5.53
N ALA C 2 12.43 -8.78 6.45
CA ALA C 2 13.88 -8.87 6.32
C ALA C 2 14.36 -10.32 6.47
N MSE C 3 15.44 -10.68 5.80
CA MSE C 3 15.99 -12.03 5.97
C MSE C 3 16.84 -12.11 7.25
O MSE C 3 17.33 -13.18 7.63
CB MSE C 3 16.79 -12.48 4.75
CG MSE C 3 15.92 -12.75 3.49
SE MSE C 3 14.60 -14.17 3.76
CE MSE C 3 15.87 -15.60 4.17
N GLU C 4 17.02 -10.97 7.89
CA GLU C 4 17.63 -10.95 9.22
C GLU C 4 16.58 -10.55 10.23
N PRO C 5 16.44 -11.35 11.29
CA PRO C 5 15.36 -11.17 12.26
C PRO C 5 15.28 -9.76 12.87
N ASN C 6 16.41 -9.06 13.03
CA ASN C 6 16.38 -7.76 13.71
C ASN C 6 16.22 -6.55 12.79
N ARG C 7 16.02 -6.81 11.50
CA ARG C 7 15.65 -5.74 10.59
C ARG C 7 14.15 -5.74 10.36
N LEU C 8 13.53 -4.60 10.57
CA LEU C 8 12.09 -4.52 10.52
C LEU C 8 11.61 -3.39 9.61
N ILE C 9 10.48 -3.66 8.96
CA ILE C 9 9.83 -2.70 8.07
C ILE C 9 8.97 -1.73 8.87
N VAL C 10 9.22 -0.45 8.66
CA VAL C 10 8.60 0.61 9.46
C VAL C 10 7.10 0.79 9.20
N GLU C 11 6.33 0.86 10.28
CA GLU C 11 4.89 1.09 10.22
C GLU C 11 4.50 2.19 11.21
N GLU C 12 3.36 2.84 10.97
CA GLU C 12 2.92 3.92 11.86
C GLU C 12 2.64 3.39 13.25
N ALA C 13 2.92 4.19 14.28
CA ALA C 13 2.57 3.83 15.64
C ALA C 13 1.09 4.07 15.93
N GLN C 14 0.50 3.20 16.73
CA GLN C 14 -0.85 3.37 17.24
C GLN C 14 -0.80 4.33 18.43
N ASN C 15 0.27 4.17 19.20
CA ASN C 15 0.54 4.95 20.41
C ASN C 15 1.51 6.08 20.12
N ASP C 16 1.04 7.33 20.14
CA ASP C 16 1.90 8.48 19.88
C ASP C 16 2.82 8.81 21.05
N ASP C 17 4.00 8.18 21.07
CA ASP C 17 4.96 8.41 22.15
C ASP C 17 6.34 8.46 21.52
N ASN C 18 7.01 9.61 21.60
CA ASN C 18 8.33 9.79 21.01
C ASN C 18 9.38 8.79 21.48
N SER C 19 9.17 8.15 22.63
CA SER C 19 10.22 7.32 23.23
C SER C 19 10.04 5.81 23.00
N VAL C 20 8.94 5.41 22.38
CA VAL C 20 8.55 4.00 22.33
C VAL C 20 8.57 3.45 20.91
N VAL C 21 9.11 2.24 20.77
CA VAL C 21 8.89 1.44 19.57
C VAL C 21 8.13 0.17 19.93
N SER C 22 7.29 -0.29 19.02
CA SER C 22 6.52 -1.48 19.31
C SER C 22 6.82 -2.62 18.34
N LEU C 23 6.88 -3.82 18.90
CA LEU C 23 7.10 -5.04 18.15
C LEU C 23 6.07 -6.05 18.59
N SER C 24 5.88 -7.08 17.78
CA SER C 24 5.07 -8.19 18.23
C SER C 24 5.82 -8.93 19.33
N GLN C 25 5.09 -9.57 20.23
CA GLN C 25 5.72 -10.40 21.26
C GLN C 25 6.57 -11.50 20.64
N ALA C 26 6.08 -12.07 19.54
CA ALA C 26 6.81 -13.14 18.88
C ALA C 26 8.18 -12.65 18.39
N LYS C 27 8.21 -11.48 17.77
CA LYS C 27 9.49 -10.91 17.34
C LYS C 27 10.38 -10.64 18.54
N MSE C 28 9.79 -10.09 19.61
CA MSE C 28 10.54 -9.81 20.84
C MSE C 28 11.11 -11.11 21.45
O MSE C 28 12.26 -11.14 21.89
CB MSE C 28 9.67 -9.07 21.86
CG MSE C 28 9.34 -7.64 21.44
SE MSE C 28 8.19 -6.72 22.74
CE MSE C 28 9.46 -6.65 24.27
N ASP C 29 10.32 -12.18 21.45
CA ASP C 29 10.82 -13.51 21.83
C ASP C 29 12.03 -13.88 20.96
N GLU C 30 11.90 -13.68 19.65
CA GLU C 30 12.95 -14.06 18.70
C GLU C 30 14.26 -13.31 18.92
N LEU C 31 14.17 -12.02 19.21
CA LEU C 31 15.37 -11.20 19.38
C LEU C 31 15.81 -11.15 20.82
N GLN C 32 15.04 -11.80 21.68
CA GLN C 32 15.26 -11.76 23.12
C GLN C 32 15.24 -10.32 23.63
N LEU C 33 14.18 -9.60 23.28
CA LEU C 33 13.94 -8.25 23.79
C LEU C 33 12.78 -8.32 24.75
N PHE C 34 12.84 -7.50 25.78
CA PHE C 34 11.84 -7.54 26.81
C PHE C 34 11.30 -6.15 27.12
N ARG C 35 10.08 -6.14 27.64
CA ARG C 35 9.35 -4.93 27.93
C ARG C 35 10.19 -3.93 28.71
N GLY C 36 10.34 -2.73 28.16
CA GLY C 36 11.04 -1.67 28.84
C GLY C 36 12.52 -1.65 28.54
N ASP C 37 12.99 -2.63 27.78
CA ASP C 37 14.35 -2.56 27.29
C ASP C 37 14.61 -1.27 26.52
N THR C 38 15.76 -0.67 26.77
CA THR C 38 16.33 0.36 25.91
C THR C 38 16.92 -0.33 24.68
N VAL C 39 16.55 0.16 23.50
CA VAL C 39 17.07 -0.39 22.25
C VAL C 39 17.70 0.67 21.39
N ILE C 40 18.76 0.29 20.69
CA ILE C 40 19.38 1.16 19.71
C ILE C 40 18.80 0.87 18.34
N LEU C 41 18.32 1.92 17.67
CA LEU C 41 17.76 1.78 16.35
C LEU C 41 18.68 2.41 15.34
N LYS C 42 18.79 1.77 14.18
CA LYS C 42 19.64 2.31 13.12
C LYS C 42 18.86 2.45 11.83
N GLY C 43 18.93 3.64 11.24
CA GLY C 43 18.19 3.91 10.02
C GLY C 43 19.11 4.26 8.87
N LYS C 44 18.69 5.23 8.04
CA LYS C 44 19.49 5.70 6.92
C LYS C 44 20.50 6.75 7.33
N ARG C 45 21.44 7.04 6.43
CA ARG C 45 22.42 8.13 6.65
C ARG C 45 23.14 7.99 7.98
N ARG C 46 23.39 6.75 8.37
CA ARG C 46 24.07 6.40 9.62
C ARG C 46 23.42 6.92 10.89
N LYS C 47 22.14 7.28 10.80
CA LYS C 47 21.38 7.75 11.96
C LYS C 47 21.09 6.66 12.96
N GLU C 48 21.24 7.00 14.22
CA GLU C 48 20.82 6.10 15.29
C GLU C 48 20.02 6.89 16.29
N THR C 49 19.17 6.19 17.04
CA THR C 49 18.47 6.81 18.15
C THR C 49 18.13 5.71 19.14
N VAL C 50 17.80 6.08 20.36
CA VAL C 50 17.44 5.10 21.38
C VAL C 50 15.97 5.18 21.74
N CYS C 51 15.32 4.03 21.86
CA CYS C 51 13.92 3.97 22.32
C CYS C 51 13.66 2.90 23.38
N ILE C 52 12.47 2.95 23.95
CA ILE C 52 11.98 1.91 24.83
C ILE C 52 11.10 1.00 24.00
N VAL C 53 11.32 -0.31 24.10
CA VAL C 53 10.54 -1.28 23.33
C VAL C 53 9.39 -1.88 24.14
N LEU C 54 8.20 -1.85 23.54
CA LEU C 54 7.01 -2.44 24.13
C LEU C 54 6.33 -3.38 23.14
N SER C 55 5.70 -4.43 23.65
CA SER C 55 4.95 -5.35 22.79
C SER C 55 3.67 -4.68 22.32
N ASP C 56 3.20 -5.11 21.15
CA ASP C 56 1.96 -4.63 20.56
C ASP C 56 1.32 -5.84 19.90
N ASP C 57 0.18 -6.27 20.44
CA ASP C 57 -0.45 -7.50 19.95
C ASP C 57 -1.04 -7.42 18.54
N THR C 58 -1.12 -6.21 17.98
CA THR C 58 -1.57 -6.08 16.59
C THR C 58 -0.44 -5.75 15.64
N CYS C 59 0.79 -5.69 16.15
CA CYS C 59 1.92 -5.42 15.27
C CYS C 59 2.31 -6.68 14.56
N PRO C 60 2.34 -6.64 13.22
CA PRO C 60 2.79 -7.79 12.45
C PRO C 60 4.24 -8.09 12.81
N ASP C 61 4.57 -9.38 12.82
CA ASP C 61 5.89 -9.82 13.26
C ASP C 61 7.04 -9.13 12.57
N GLU C 62 6.92 -8.93 11.26
CA GLU C 62 8.04 -8.41 10.48
C GLU C 62 8.11 -6.89 10.41
N LYS C 63 7.26 -6.24 11.20
CA LYS C 63 7.20 -4.78 11.24
C LYS C 63 7.57 -4.18 12.59
N ILE C 64 7.95 -2.91 12.56
CA ILE C 64 8.18 -2.14 13.78
C ILE C 64 7.35 -0.86 13.74
N ARG C 65 6.68 -0.55 14.84
CA ARG C 65 5.85 0.64 14.91
C ARG C 65 6.54 1.76 15.67
N MSE C 66 6.54 2.94 15.07
CA MSE C 66 7.22 4.09 15.63
C MSE C 66 6.57 5.32 15.05
O MSE C 66 6.09 5.30 13.91
CB MSE C 66 8.70 4.04 15.27
CG MSE C 66 8.94 3.91 13.77
SE MSE C 66 10.84 4.01 13.29
CE MSE C 66 11.54 2.61 14.46
N ASN C 67 6.51 6.40 15.82
CA ASN C 67 5.90 7.63 15.30
C ASN C 67 6.84 8.42 14.41
N ARG C 68 6.34 9.54 13.88
N ARG C 68 6.35 9.52 13.87
CA ARG C 68 7.11 10.36 12.94
CA ARG C 68 7.12 10.29 12.91
C ARG C 68 8.38 10.93 13.54
C ARG C 68 8.37 10.94 13.53
N VAL C 69 8.30 11.34 14.80
CA VAL C 69 9.48 11.81 15.51
C VAL C 69 10.61 10.80 15.44
N VAL C 70 10.30 9.55 15.75
CA VAL C 70 11.33 8.52 15.69
C VAL C 70 11.80 8.27 14.25
N ARG C 71 10.85 8.20 13.30
CA ARG C 71 11.20 7.99 11.88
C ARG C 71 12.15 9.09 11.40
N ASN C 72 11.85 10.32 11.80
CA ASN C 72 12.64 11.46 11.43
C ASN C 72 14.07 11.39 11.98
N ASN C 73 14.20 10.97 13.23
CA ASN C 73 15.53 10.81 13.83
C ASN C 73 16.36 9.73 13.14
N LEU C 74 15.66 8.81 12.46
CA LEU C 74 16.31 7.71 11.77
C LEU C 74 16.40 7.93 10.25
N CYS C 75 15.85 9.06 9.80
CA CYS C 75 15.78 9.39 8.37
C CYS C 75 15.12 8.28 7.56
N VAL C 76 14.02 7.74 8.09
CA VAL C 76 13.28 6.74 7.33
C VAL C 76 11.85 7.18 7.08
N HIS C 77 11.24 6.57 6.07
CA HIS C 77 9.81 6.76 5.83
C HIS C 77 9.09 5.50 6.26
N LEU C 78 7.76 5.57 6.32
CA LEU C 78 6.96 4.36 6.41
C LEU C 78 7.36 3.39 5.31
N SER C 79 7.39 2.10 5.65
CA SER C 79 7.85 1.05 4.72
C SER C 79 9.35 1.07 4.42
N ASP C 80 10.12 1.92 5.08
CA ASP C 80 11.56 1.73 5.05
C ASP C 80 11.95 0.65 6.07
N VAL C 81 13.24 0.39 6.19
CA VAL C 81 13.73 -0.71 7.02
C VAL C 81 14.71 -0.18 8.05
N VAL C 82 14.54 -0.56 9.31
CA VAL C 82 15.48 -0.21 10.38
C VAL C 82 15.88 -1.44 11.18
N SER C 83 17.03 -1.35 11.87
CA SER C 83 17.45 -2.44 12.74
C SER C 83 17.25 -2.05 14.19
N VAL C 84 17.07 -3.08 15.01
CA VAL C 84 16.86 -2.88 16.43
C VAL C 84 17.74 -3.85 17.21
N GLN C 85 18.41 -3.32 18.24
CA GLN C 85 19.27 -4.12 19.10
C GLN C 85 19.13 -3.61 20.52
N SER C 86 19.17 -4.50 21.50
CA SER C 86 19.20 -4.06 22.89
C SER C 86 20.47 -3.24 23.11
N CYS C 87 20.33 -2.20 23.93
CA CYS C 87 21.39 -1.26 24.22
C CYS C 87 21.56 -1.17 25.73
N PRO C 88 22.58 -1.86 26.26
CA PRO C 88 22.68 -2.08 27.70
C PRO C 88 23.32 -0.95 28.49
N ASP C 89 23.89 0.05 27.81
CA ASP C 89 24.68 1.05 28.52
C ASP C 89 24.05 2.44 28.46
N VAL C 90 22.72 2.52 28.48
CA VAL C 90 22.08 3.82 28.43
C VAL C 90 22.02 4.39 29.83
N LYS C 91 23.08 5.13 30.18
CA LYS C 91 23.27 5.63 31.53
C LYS C 91 22.34 6.78 31.87
N TYR C 92 22.08 6.97 33.15
CA TYR C 92 21.29 8.11 33.58
C TYR C 92 22.04 9.43 33.32
N GLY C 93 21.35 10.39 32.72
CA GLY C 93 21.95 11.67 32.37
C GLY C 93 22.27 12.50 33.60
N LYS C 94 23.45 13.10 33.63
CA LYS C 94 23.81 14.07 34.65
C LYS C 94 23.29 15.44 34.25
N ARG C 95 23.69 15.83 33.05
CA ARG C 95 23.29 17.11 32.48
C ARG C 95 23.05 16.86 31.00
N VAL C 96 22.05 17.57 30.47
CA VAL C 96 21.74 17.53 29.05
C VAL C 96 21.43 18.94 28.56
N ARG C 97 21.79 19.22 27.31
CA ARG C 97 21.42 20.48 26.68
C ARG C 97 20.44 20.28 25.54
N ILE C 98 19.27 20.87 25.71
CA ILE C 98 18.17 20.72 24.78
C ILE C 98 17.66 22.09 24.44
N LEU C 99 17.61 22.42 23.14
CA LEU C 99 17.23 23.75 22.68
C LEU C 99 16.10 23.68 21.67
N PRO C 100 15.23 24.70 21.65
CA PRO C 100 14.18 24.75 20.63
C PRO C 100 14.78 24.98 19.25
N ILE C 101 14.09 24.53 18.20
CA ILE C 101 14.60 24.61 16.85
C ILE C 101 14.49 26.04 16.33
N ASP C 102 13.26 26.48 16.11
CA ASP C 102 12.98 27.78 15.50
C ASP C 102 11.49 28.05 15.36
N ASN C 111 10.22 29.62 30.67
CA ASN C 111 8.98 29.09 30.10
C ASN C 111 9.12 27.65 29.58
N LEU C 112 10.13 27.40 28.74
CA LEU C 112 10.27 26.10 28.10
C LEU C 112 10.52 24.92 29.06
N PHE C 113 11.35 25.10 30.07
CA PHE C 113 11.55 24.02 31.02
C PHE C 113 10.27 23.67 31.78
N GLU C 114 9.64 24.67 32.37
CA GLU C 114 8.46 24.45 33.22
C GLU C 114 7.25 23.90 32.48
N ILE C 115 6.94 24.47 31.32
CA ILE C 115 5.72 24.11 30.60
C ILE C 115 5.90 22.91 29.67
N TYR C 116 7.03 22.85 28.98
CA TYR C 116 7.25 21.83 27.97
C TYR C 116 8.11 20.68 28.46
N LEU C 117 9.37 20.95 28.77
CA LEU C 117 10.33 19.87 28.97
C LEU C 117 10.10 19.08 30.26
N LYS C 118 9.90 19.78 31.37
CA LYS C 118 9.68 19.06 32.64
C LYS C 118 8.51 18.07 32.57
N PRO C 119 7.30 18.53 32.19
CA PRO C 119 6.20 17.55 32.16
C PRO C 119 6.42 16.41 31.14
N TYR C 120 7.08 16.71 30.03
CA TYR C 120 7.42 15.71 29.02
C TYR C 120 8.25 14.59 29.60
N PHE C 121 9.29 14.97 30.34
CA PHE C 121 10.25 14.01 30.88
C PHE C 121 9.84 13.41 32.24
N LEU C 122 8.99 14.13 32.98
CA LEU C 122 8.67 13.80 34.39
C LEU C 122 8.30 12.34 34.65
N GLU C 123 9.17 11.62 35.37
CA GLU C 123 8.94 10.23 35.75
C GLU C 123 8.75 9.29 34.57
N ALA C 124 9.16 9.73 33.39
CA ALA C 124 9.01 8.93 32.17
C ALA C 124 10.26 8.15 31.79
N TYR C 125 11.41 8.53 32.36
CA TYR C 125 12.68 7.85 32.06
C TYR C 125 12.94 7.68 30.54
N ARG C 126 12.67 8.75 29.79
CA ARG C 126 12.88 8.77 28.34
C ARG C 126 14.36 8.71 28.01
N PRO C 127 14.75 7.84 27.08
CA PRO C 127 16.11 7.89 26.57
C PRO C 127 16.19 8.98 25.50
N ILE C 128 17.32 9.66 25.39
CA ILE C 128 17.51 10.64 24.32
C ILE C 128 18.88 10.45 23.74
N HIS C 129 19.06 10.90 22.51
CA HIS C 129 20.32 10.71 21.80
C HIS C 129 20.74 12.07 21.26
N MSE C 130 22.02 12.40 21.40
CA MSE C 130 22.53 13.62 20.77
C MSE C 130 22.22 13.60 19.28
O MSE C 130 22.43 12.58 18.61
CB MSE C 130 24.03 13.77 21.02
CG MSE C 130 24.35 14.18 22.45
SE MSE C 130 26.27 14.10 22.83
CE MSE C 130 26.88 15.22 21.35
N GLY C 131 21.68 14.71 18.80
CA GLY C 131 21.23 14.84 17.42
C GLY C 131 19.74 14.59 17.24
N ASP C 132 19.11 13.94 18.24
CA ASP C 132 17.65 13.80 18.26
C ASP C 132 16.94 15.13 18.16
N ASN C 133 15.91 15.18 17.32
CA ASN C 133 14.86 16.20 17.41
C ASN C 133 13.63 15.54 18.01
N PHE C 134 12.84 16.29 18.78
CA PHE C 134 11.57 15.77 19.26
C PHE C 134 10.52 16.86 19.47
N ILE C 135 9.25 16.48 19.36
CA ILE C 135 8.19 17.46 19.45
C ILE C 135 7.41 17.28 20.74
N VAL C 136 7.25 18.38 21.47
CA VAL C 136 6.46 18.40 22.67
C VAL C 136 5.20 19.23 22.40
N ARG C 137 4.05 18.62 22.67
CA ARG C 137 2.76 19.21 22.38
C ARG C 137 2.14 19.62 23.70
N ALA C 138 2.27 20.91 24.02
CA ALA C 138 1.82 21.42 25.32
C ALA C 138 1.32 22.86 25.21
N ALA C 139 0.75 23.37 26.28
CA ALA C 139 0.27 24.76 26.28
C ALA C 139 -0.64 25.04 25.08
N MSE C 140 -0.23 25.97 24.21
CA MSE C 140 -1.07 26.33 23.07
C MSE C 140 -0.38 26.08 21.73
O MSE C 140 -0.84 26.57 20.70
CB MSE C 140 -1.47 27.80 23.13
CG MSE C 140 -2.26 28.14 24.36
SE MSE C 140 -2.59 30.04 24.49
CE MSE C 140 -0.77 30.70 24.73
N ARG C 141 0.71 25.33 21.75
CA ARG C 141 1.61 25.33 20.61
C ARG C 141 2.59 24.16 20.71
N PRO C 142 2.75 23.39 19.61
CA PRO C 142 3.79 22.37 19.63
C PRO C 142 5.15 23.04 19.45
N ILE C 143 6.18 22.51 20.12
CA ILE C 143 7.52 23.02 19.95
C ILE C 143 8.48 21.88 19.68
N GLU C 144 9.30 22.02 18.64
CA GLU C 144 10.30 21.01 18.32
C GLU C 144 11.63 21.37 18.96
N PHE C 145 12.27 20.39 19.59
CA PHE C 145 13.54 20.56 20.29
C PHE C 145 14.65 19.74 19.67
N LYS C 146 15.90 20.15 19.89
CA LYS C 146 17.04 19.34 19.50
C LYS C 146 17.86 18.97 20.71
N VAL C 147 18.28 17.72 20.77
CA VAL C 147 19.19 17.29 21.82
C VAL C 147 20.61 17.63 21.37
N VAL C 148 21.12 18.72 21.93
CA VAL C 148 22.42 19.25 21.54
C VAL C 148 23.57 18.51 22.18
N LEU C 149 23.47 18.29 23.49
CA LEU C 149 24.52 17.63 24.25
C LEU C 149 23.93 16.76 25.34
N THR C 150 24.56 15.62 25.61
CA THR C 150 24.22 14.84 26.81
C THR C 150 25.49 14.50 27.58
N ASP C 151 25.37 14.37 28.90
CA ASP C 151 26.47 13.87 29.73
C ASP C 151 25.91 12.82 30.66
N PRO C 152 26.28 11.54 30.42
CA PRO C 152 27.27 11.07 29.42
C PRO C 152 26.82 11.12 27.95
N GLU C 153 27.78 10.94 27.04
CA GLU C 153 27.53 10.90 25.60
C GLU C 153 27.49 9.45 25.13
N PRO C 154 26.83 9.18 23.98
CA PRO C 154 26.06 10.09 23.14
C PRO C 154 24.55 9.97 23.39
N TYR C 155 24.18 9.22 24.42
CA TYR C 155 22.79 9.04 24.77
C TYR C 155 22.67 8.81 26.26
N CYS C 156 21.48 9.02 26.80
CA CYS C 156 21.26 8.85 28.23
C CYS C 156 19.78 8.77 28.54
N ILE C 157 19.47 8.39 29.78
CA ILE C 157 18.12 8.48 30.29
C ILE C 157 17.96 9.83 30.99
N VAL C 158 16.88 10.55 30.68
CA VAL C 158 16.56 11.72 31.49
C VAL C 158 15.88 11.24 32.75
N ALA C 159 16.66 11.21 33.83
CA ALA C 159 16.26 10.63 35.11
C ALA C 159 16.01 11.76 36.12
N PRO C 160 15.47 11.44 37.32
CA PRO C 160 15.23 12.55 38.26
C PRO C 160 16.49 13.34 38.61
N GLU C 161 17.65 12.70 38.55
CA GLU C 161 18.93 13.36 38.84
C GLU C 161 19.43 14.21 37.66
N THR C 162 18.75 14.11 36.52
CA THR C 162 19.22 14.82 35.34
C THR C 162 18.94 16.31 35.43
N VAL C 163 19.90 17.10 34.98
CA VAL C 163 19.74 18.56 34.92
C VAL C 163 19.64 19.01 33.46
N ILE C 164 18.55 19.70 33.14
CA ILE C 164 18.31 20.14 31.78
C ILE C 164 18.71 21.60 31.59
N PHE C 165 19.64 21.83 30.67
CA PHE C 165 19.97 23.19 30.25
C PHE C 165 19.30 23.53 28.95
N CYS C 166 18.30 24.39 29.02
CA CYS C 166 17.52 24.77 27.85
C CYS C 166 17.45 26.29 27.66
N ASP C 167 18.47 26.97 28.20
CA ASP C 167 18.63 28.42 28.22
C ASP C 167 17.76 29.10 29.27
N ASP D 8 18.62 -24.05 30.34
CA ASP D 8 18.27 -24.05 31.76
C ASP D 8 18.25 -22.63 32.34
N LYS D 9 19.32 -21.87 32.09
CA LYS D 9 19.44 -20.53 32.67
C LYS D 9 18.36 -19.55 32.16
N ILE D 10 17.95 -18.63 33.02
CA ILE D 10 17.00 -17.58 32.64
C ILE D 10 17.70 -16.23 32.63
N LEU D 11 17.01 -15.21 32.13
CA LEU D 11 17.58 -13.86 32.04
C LEU D 11 16.99 -12.94 33.07
N ILE D 12 17.85 -12.31 33.86
CA ILE D 12 17.42 -11.26 34.76
C ILE D 12 18.08 -9.93 34.36
N ARG D 13 17.27 -8.89 34.19
CA ARG D 13 17.77 -7.58 33.80
C ARG D 13 17.87 -6.68 35.01
N VAL D 14 19.02 -6.04 35.18
CA VAL D 14 19.20 -5.15 36.31
C VAL D 14 19.34 -3.73 35.81
N GLN D 15 18.33 -2.91 36.11
CA GLN D 15 18.35 -1.48 35.81
C GLN D 15 19.10 -0.72 36.88
N SER D 16 20.18 -0.05 36.50
CA SER D 16 20.86 0.89 37.38
C SER D 16 21.10 2.22 36.66
N ALA D 17 21.80 3.14 37.31
CA ALA D 17 22.15 4.40 36.67
C ALA D 17 23.19 4.21 35.57
N GLU D 18 23.83 3.03 35.54
CA GLU D 18 24.81 2.68 34.52
C GLU D 18 24.19 1.94 33.33
N GLY D 19 22.89 1.63 33.43
CA GLY D 19 22.19 1.03 32.31
C GLY D 19 21.38 -0.19 32.68
N ILE D 20 21.15 -1.06 31.70
CA ILE D 20 20.41 -2.29 31.96
C ILE D 20 21.36 -3.48 31.73
N LYS D 21 21.75 -4.11 32.83
CA LYS D 21 22.71 -5.21 32.79
C LYS D 21 21.97 -6.53 32.75
N ARG D 22 22.34 -7.37 31.80
CA ARG D 22 21.72 -8.69 31.63
C ARG D 22 22.48 -9.76 32.40
N ILE D 23 21.77 -10.44 33.29
CA ILE D 23 22.37 -11.53 34.05
C ILE D 23 21.74 -12.86 33.67
N GLU D 24 22.56 -13.80 33.19
CA GLU D 24 22.09 -15.15 32.93
C GLU D 24 22.35 -15.99 34.18
N ILE D 25 21.30 -16.60 34.69
CA ILE D 25 21.37 -17.27 35.98
C ILE D 25 20.36 -18.42 36.05
N SER D 26 20.73 -19.47 36.78
CA SER D 26 19.80 -20.57 37.04
C SER D 26 18.66 -20.14 37.94
N PRO D 27 17.43 -20.48 37.55
CA PRO D 27 16.23 -20.26 38.37
C PRO D 27 16.27 -21.09 39.65
N LYS D 28 17.16 -22.08 39.68
CA LYS D 28 17.35 -22.93 40.85
C LYS D 28 18.43 -22.38 41.76
N SER D 29 19.09 -21.31 41.34
CA SER D 29 20.03 -20.63 42.22
C SER D 29 19.23 -19.83 43.23
N ASN D 30 19.92 -19.36 44.25
CA ASN D 30 19.27 -18.60 45.30
C ASN D 30 19.46 -17.11 45.08
N LEU D 31 18.67 -16.29 45.77
CA LEU D 31 18.72 -14.85 45.57
C LEU D 31 20.08 -14.23 45.88
N LYS D 32 20.77 -14.76 46.90
CA LYS D 32 22.10 -14.28 47.22
C LYS D 32 23.01 -14.43 46.03
N HIS D 33 22.84 -15.51 45.28
CA HIS D 33 23.60 -15.72 44.07
C HIS D 33 23.32 -14.62 43.03
N LEU D 34 22.08 -14.13 43.00
CA LEU D 34 21.77 -13.00 42.12
C LEU D 34 22.57 -11.79 42.55
N TYR D 35 22.55 -11.52 43.84
CA TYR D 35 23.30 -10.40 44.39
C TYR D 35 24.80 -10.52 44.08
N ASP D 36 25.36 -11.71 44.30
CA ASP D 36 26.78 -11.95 44.03
C ASP D 36 27.12 -11.80 42.56
N SER D 37 26.26 -12.32 41.71
CA SER D 37 26.42 -12.20 40.26
C SER D 37 26.44 -10.73 39.84
N VAL D 38 25.54 -9.93 40.41
CA VAL D 38 25.50 -8.50 40.11
C VAL D 38 26.79 -7.83 40.56
N GLN D 39 27.22 -8.17 41.78
CA GLN D 39 28.47 -7.67 42.35
C GLN D 39 29.67 -8.02 41.47
N ASN D 40 29.72 -9.27 41.00
CA ASN D 40 30.80 -9.72 40.10
C ASN D 40 30.73 -9.06 38.72
N ALA D 41 29.50 -8.75 38.28
CA ALA D 41 29.27 -8.15 36.97
C ALA D 41 29.40 -6.64 36.96
N LEU D 42 29.17 -6.02 38.11
CA LEU D 42 29.14 -4.56 38.22
C LEU D 42 30.25 -4.02 39.12
N LYS D 43 30.50 -2.72 38.99
CA LYS D 43 31.41 -2.02 39.89
C LYS D 43 30.58 -1.19 40.85
N VAL D 44 29.98 -1.86 41.82
CA VAL D 44 29.18 -1.19 42.83
C VAL D 44 29.59 -1.57 44.24
N ASP D 45 29.13 -0.77 45.20
CA ASP D 45 29.38 -1.02 46.60
C ASP D 45 28.13 -1.65 47.17
N GLY D 46 27.65 -1.14 48.31
CA GLY D 46 26.42 -1.63 48.89
C GLY D 46 25.19 -1.22 48.13
N PHE D 47 24.55 -2.21 47.50
CA PHE D 47 23.31 -1.98 46.75
C PHE D 47 22.14 -2.83 47.28
N GLY D 48 20.93 -2.40 46.98
CA GLY D 48 19.77 -3.26 47.17
C GLY D 48 19.16 -3.54 45.80
N LEU D 49 18.47 -4.68 45.67
CA LEU D 49 17.72 -5.01 44.45
C LEU D 49 16.22 -5.02 44.73
N PHE D 50 15.45 -4.40 43.83
CA PHE D 50 14.02 -4.23 44.07
C PHE D 50 13.16 -4.64 42.86
N LYS D 51 11.93 -5.05 43.13
CA LYS D 51 11.01 -5.51 42.08
C LYS D 51 10.45 -4.36 41.25
N GLU D 52 10.46 -3.16 41.82
CA GLU D 52 9.93 -2.00 41.13
C GLU D 52 10.88 -0.83 41.25
N ARG D 53 10.74 0.11 40.33
CA ARG D 53 11.63 1.23 40.19
C ARG D 53 11.56 2.16 41.40
N ASN D 54 10.43 2.09 42.10
CA ASN D 54 10.19 2.90 43.29
C ASN D 54 10.72 2.28 44.59
N PHE D 55 11.31 1.09 44.48
CA PHE D 55 11.97 0.42 45.60
C PHE D 55 11.08 0.00 46.78
N LEU D 56 9.98 -0.70 46.50
CA LEU D 56 9.13 -1.16 47.60
C LEU D 56 9.40 -2.60 48.02
N THR D 57 9.36 -3.51 47.06
CA THR D 57 9.57 -4.90 47.40
C THR D 57 11.05 -5.20 47.23
N GLU D 58 11.78 -5.22 48.35
CA GLU D 58 13.18 -5.55 48.29
C GLU D 58 13.33 -7.05 48.12
N LEU D 59 14.19 -7.44 47.19
CA LEU D 59 14.61 -8.81 47.08
C LEU D 59 15.65 -9.04 48.17
N GLN D 60 15.38 -10.01 49.04
CA GLN D 60 16.30 -10.31 50.15
C GLN D 60 17.47 -11.17 49.69
N ALA D 61 18.66 -10.73 50.01
CA ALA D 61 19.87 -11.50 49.74
C ALA D 61 19.80 -12.87 50.45
N SER D 62 18.98 -13.76 49.88
CA SER D 62 18.65 -15.04 50.52
C SER D 62 19.38 -16.28 49.99
N GLY D 63 19.82 -17.14 50.91
CA GLY D 63 20.40 -18.42 50.55
C GLY D 63 19.36 -19.52 50.39
N SER D 64 18.11 -19.21 50.74
CA SER D 64 17.01 -20.17 50.59
C SER D 64 15.95 -19.78 49.54
N GLN D 65 15.85 -18.50 49.22
CA GLN D 65 14.83 -18.10 48.25
C GLN D 65 15.49 -18.27 46.89
N LEU D 66 14.84 -19.05 46.05
CA LEU D 66 15.42 -19.36 44.75
C LEU D 66 15.06 -18.27 43.76
N VAL D 67 15.95 -18.05 42.80
CA VAL D 67 15.70 -17.11 41.70
C VAL D 67 14.36 -17.41 41.06
N GLY D 68 14.15 -18.68 40.74
CA GLY D 68 12.94 -19.11 40.05
C GLY D 68 11.63 -18.94 40.81
N THR D 69 11.67 -18.69 42.11
CA THR D 69 10.43 -18.52 42.87
C THR D 69 9.74 -17.15 42.76
N SER D 70 10.53 -16.07 42.70
CA SER D 70 9.96 -14.72 42.63
C SER D 70 10.08 -14.06 41.25
N LEU D 71 10.87 -14.64 40.38
CA LEU D 71 11.16 -13.99 39.10
C LEU D 71 10.96 -14.93 37.93
N ARG D 72 10.52 -14.36 36.81
CA ARG D 72 10.35 -15.10 35.57
C ARG D 72 11.41 -14.63 34.59
N HIS D 73 11.70 -15.45 33.59
CA HIS D 73 12.62 -15.11 32.51
C HIS D 73 12.33 -13.71 31.95
N GLY D 74 13.36 -12.87 31.89
CA GLY D 74 13.26 -11.54 31.32
C GLY D 74 12.82 -10.44 32.28
N ASP D 75 12.53 -10.80 33.52
CA ASP D 75 12.10 -9.81 34.50
C ASP D 75 13.18 -8.77 34.77
N MSE D 76 12.76 -7.53 35.01
CA MSE D 76 13.69 -6.47 35.34
C MSE D 76 13.65 -6.09 36.82
O MSE D 76 12.57 -5.84 37.38
CB MSE D 76 13.42 -5.23 34.47
CG MSE D 76 14.28 -4.02 34.80
SE MSE D 76 14.89 -3.13 33.15
CE MSE D 76 13.16 -2.54 32.44
N VAL D 77 14.81 -6.05 37.46
CA VAL D 77 14.91 -5.54 38.83
C VAL D 77 15.66 -4.21 38.86
N TYR D 78 15.57 -3.50 39.97
CA TYR D 78 16.09 -2.14 40.03
C TYR D 78 17.13 -1.98 41.14
N LEU D 79 18.31 -1.48 40.77
CA LEU D 79 19.41 -1.34 41.71
C LEU D 79 19.39 0.03 42.39
N LYS D 80 19.49 0.00 43.72
CA LYS D 80 19.59 1.20 44.56
C LYS D 80 20.92 1.18 45.30
N GLN D 81 21.77 2.18 45.06
CA GLN D 81 23.07 2.24 45.74
C GLN D 81 22.96 2.90 47.12
N GLY E 1 26.23 -32.77 -30.18
CA GLY E 1 25.84 -31.65 -29.34
C GLY E 1 25.71 -30.40 -30.17
N ALA E 2 25.48 -29.27 -29.49
CA ALA E 2 25.47 -27.98 -30.17
C ALA E 2 26.85 -27.67 -30.71
N MSE E 3 26.93 -26.94 -31.81
CA MSE E 3 28.23 -26.58 -32.39
C MSE E 3 28.90 -25.41 -31.65
O MSE E 3 30.08 -25.14 -31.87
CB MSE E 3 28.11 -26.28 -33.88
CG MSE E 3 27.92 -27.50 -34.76
SE MSE E 3 29.36 -28.81 -34.64
CE MSE E 3 30.80 -27.62 -35.11
N GLU E 4 28.17 -24.71 -30.78
CA GLU E 4 28.78 -23.74 -29.88
C GLU E 4 28.88 -24.34 -28.48
N PRO E 5 30.06 -24.25 -27.86
CA PRO E 5 30.33 -24.92 -26.57
C PRO E 5 29.32 -24.56 -25.48
N ASN E 6 28.81 -23.33 -25.48
CA ASN E 6 27.95 -22.89 -24.38
C ASN E 6 26.45 -23.12 -24.60
N ARG E 7 26.11 -23.76 -25.72
CA ARG E 7 24.74 -24.21 -25.93
C ARG E 7 24.59 -25.68 -25.56
N LEU E 8 23.65 -25.96 -24.67
CA LEU E 8 23.48 -27.28 -24.10
C LEU E 8 22.07 -27.82 -24.21
N ILE E 9 21.98 -29.13 -24.38
CA ILE E 9 20.72 -29.81 -24.53
C ILE E 9 20.07 -30.09 -23.17
N VAL E 10 18.84 -29.60 -23.01
CA VAL E 10 18.17 -29.64 -21.71
C VAL E 10 17.79 -31.04 -21.27
N GLU E 11 18.15 -31.39 -20.04
CA GLU E 11 17.82 -32.68 -19.46
C GLU E 11 17.24 -32.50 -18.05
N GLU E 12 16.47 -33.48 -17.57
CA GLU E 12 15.86 -33.40 -16.24
C GLU E 12 16.93 -33.38 -15.15
N ALA E 13 16.72 -32.59 -14.10
CA ALA E 13 17.64 -32.58 -12.96
C ALA E 13 17.46 -33.78 -12.04
N GLN E 14 18.55 -34.25 -11.47
CA GLN E 14 18.51 -35.31 -10.46
C GLN E 14 18.15 -34.72 -9.09
N ASN E 15 18.71 -33.54 -8.83
CA ASN E 15 18.50 -32.79 -7.60
C ASN E 15 17.47 -31.71 -7.84
N ASP E 16 16.27 -31.87 -7.28
CA ASP E 16 15.24 -30.85 -7.48
C ASP E 16 15.48 -29.59 -6.66
N ASP E 17 16.18 -28.63 -7.25
CA ASP E 17 16.46 -27.36 -6.60
C ASP E 17 16.25 -26.29 -7.67
N ASN E 18 15.28 -25.39 -7.46
CA ASN E 18 14.95 -24.33 -8.41
C ASN E 18 16.12 -23.43 -8.79
N SER E 19 17.16 -23.43 -7.95
CA SER E 19 18.26 -22.48 -8.09
C SER E 19 19.51 -23.05 -8.76
N VAL E 20 19.50 -24.33 -9.07
CA VAL E 20 20.70 -25.00 -9.51
C VAL E 20 20.59 -25.53 -10.94
N VAL E 21 21.66 -25.34 -11.72
CA VAL E 21 21.87 -26.09 -12.95
C VAL E 21 23.12 -26.96 -12.83
N SER E 22 23.09 -28.12 -13.49
CA SER E 22 24.24 -29.00 -13.40
C SER E 22 24.86 -29.26 -14.76
N LEU E 23 26.19 -29.30 -14.78
CA LEU E 23 26.98 -29.62 -15.97
C LEU E 23 27.98 -30.69 -15.61
N SER E 24 28.55 -31.34 -16.61
CA SER E 24 29.69 -32.22 -16.36
C SER E 24 30.88 -31.34 -16.01
N GLN E 25 31.83 -31.85 -15.23
CA GLN E 25 33.04 -31.10 -14.92
C GLN E 25 33.82 -30.76 -16.20
N ALA E 26 33.82 -31.67 -17.17
CA ALA E 26 34.51 -31.43 -18.44
C ALA E 26 33.96 -30.20 -19.17
N LYS E 27 32.63 -30.10 -19.25
CA LYS E 27 31.99 -28.92 -19.82
C LYS E 27 32.33 -27.64 -19.05
N MSE E 28 32.27 -27.75 -17.72
CA MSE E 28 32.64 -26.63 -16.85
C MSE E 28 34.08 -26.18 -17.08
O MSE E 28 34.36 -24.96 -17.11
CB MSE E 28 32.40 -27.02 -15.39
CG MSE E 28 30.91 -27.13 -15.06
SE MSE E 28 30.56 -27.62 -13.19
CE MSE E 28 31.32 -26.05 -12.33
N ASP E 29 34.98 -27.13 -17.27
CA ASP E 29 36.37 -26.82 -17.59
C ASP E 29 36.43 -26.08 -18.91
N GLU E 30 35.67 -26.59 -19.88
CA GLU E 30 35.65 -26.04 -21.23
C GLU E 30 35.16 -24.60 -21.24
N LEU E 31 34.13 -24.31 -20.44
CA LEU E 31 33.51 -22.98 -20.43
C LEU E 31 34.11 -22.10 -19.36
N GLN E 32 35.02 -22.67 -18.55
CA GLN E 32 35.62 -21.96 -17.42
C GLN E 32 34.57 -21.46 -16.44
N LEU E 33 33.74 -22.38 -16.00
CA LEU E 33 32.77 -22.16 -14.93
C LEU E 33 33.21 -22.99 -13.72
N PHE E 34 32.95 -22.47 -12.52
CA PHE E 34 33.39 -23.14 -11.28
C PHE E 34 32.25 -23.35 -10.34
N ARG E 35 32.38 -24.36 -9.48
CA ARG E 35 31.31 -24.75 -8.56
C ARG E 35 30.81 -23.54 -7.77
N GLY E 36 29.50 -23.26 -7.87
CA GLY E 36 28.89 -22.17 -7.14
C GLY E 36 28.85 -20.84 -7.86
N ASP E 37 29.47 -20.78 -9.05
CA ASP E 37 29.36 -19.60 -9.91
C ASP E 37 27.90 -19.32 -10.19
N THR E 38 27.52 -18.05 -10.21
CA THR E 38 26.24 -17.63 -10.77
C THR E 38 26.34 -17.59 -12.29
N VAL E 39 25.39 -18.22 -12.97
CA VAL E 39 25.37 -18.22 -14.43
C VAL E 39 24.05 -17.69 -14.95
N ILE E 40 24.10 -17.00 -16.08
CA ILE E 40 22.87 -16.57 -16.72
C ILE E 40 22.50 -17.53 -17.86
N LEU E 41 21.25 -17.96 -17.83
CA LEU E 41 20.75 -18.90 -18.82
C LEU E 41 19.83 -18.19 -19.79
N LYS E 42 19.91 -18.54 -21.07
CA LYS E 42 19.05 -17.93 -22.09
C LYS E 42 18.29 -19.00 -22.87
N GLY E 43 16.97 -18.87 -22.92
CA GLY E 43 16.16 -19.87 -23.59
C GLY E 43 15.38 -19.30 -24.76
N LYS E 44 14.12 -19.73 -24.87
CA LYS E 44 13.26 -19.25 -25.94
C LYS E 44 12.57 -17.94 -25.56
N ARG E 45 12.01 -17.28 -26.58
CA ARG E 45 11.24 -16.06 -26.38
C ARG E 45 12.01 -15.01 -25.60
N ARG E 46 13.33 -14.99 -25.80
CA ARG E 46 14.23 -14.05 -25.12
C ARG E 46 14.22 -14.14 -23.59
N LYS E 47 13.78 -15.27 -23.06
CA LYS E 47 13.78 -15.48 -21.62
C LYS E 47 15.19 -15.68 -21.08
N GLU E 48 15.45 -15.08 -19.92
CA GLU E 48 16.67 -15.33 -19.17
C GLU E 48 16.35 -15.61 -17.71
N THR E 49 17.26 -16.33 -17.04
CA THR E 49 17.16 -16.51 -15.59
C THR E 49 18.56 -16.82 -15.03
N VAL E 50 18.73 -16.66 -13.72
CA VAL E 50 20.03 -16.91 -13.09
C VAL E 50 19.97 -18.13 -12.18
N CYS E 51 20.99 -18.99 -12.26
CA CYS E 51 21.11 -20.14 -11.39
C CYS E 51 22.54 -20.28 -10.87
N ILE E 52 22.71 -21.21 -9.93
CA ILE E 52 24.01 -21.59 -9.42
C ILE E 52 24.44 -22.84 -10.18
N VAL E 53 25.69 -22.86 -10.67
CA VAL E 53 26.17 -24.03 -11.41
C VAL E 53 26.95 -25.01 -10.54
N LEU E 54 26.56 -26.28 -10.63
CA LEU E 54 27.24 -27.36 -9.92
C LEU E 54 27.61 -28.48 -10.88
N SER E 55 28.70 -29.19 -10.60
CA SER E 55 29.07 -30.38 -11.37
C SER E 55 28.17 -31.58 -11.03
N ASP E 56 27.99 -32.45 -12.00
CA ASP E 56 27.21 -33.67 -11.84
C ASP E 56 27.95 -34.69 -12.67
N ASP E 57 28.60 -35.65 -12.00
CA ASP E 57 29.46 -36.58 -12.72
C ASP E 57 28.73 -37.61 -13.61
N THR E 58 27.40 -37.60 -13.58
CA THR E 58 26.65 -38.43 -14.53
C THR E 58 25.98 -37.60 -15.64
N CYS E 59 26.25 -36.30 -15.66
CA CYS E 59 25.70 -35.45 -16.71
C CYS E 59 26.58 -35.56 -17.96
N PRO E 60 25.97 -35.93 -19.09
CA PRO E 60 26.72 -36.01 -20.36
C PRO E 60 27.24 -34.63 -20.70
N ASP E 61 28.43 -34.55 -21.27
CA ASP E 61 29.07 -33.27 -21.52
C ASP E 61 28.18 -32.24 -22.21
N GLU E 62 27.43 -32.68 -23.21
CA GLU E 62 26.72 -31.71 -24.05
C GLU E 62 25.32 -31.40 -23.53
N LYS E 63 25.02 -31.86 -22.31
CA LYS E 63 23.71 -31.66 -21.69
C LYS E 63 23.79 -30.74 -20.48
N ILE E 64 22.65 -30.14 -20.14
CA ILE E 64 22.49 -29.35 -18.93
C ILE E 64 21.26 -29.86 -18.14
N ARG E 65 21.42 -30.04 -16.84
CA ARG E 65 20.34 -30.55 -16.02
C ARG E 65 19.73 -29.44 -15.17
N MSE E 66 18.41 -29.32 -15.28
CA MSE E 66 17.68 -28.27 -14.59
C MSE E 66 16.26 -28.80 -14.36
O MSE E 66 15.79 -29.64 -15.13
CB MSE E 66 17.66 -27.01 -15.45
CG MSE E 66 17.16 -27.27 -16.87
SE MSE E 66 16.87 -25.65 -17.89
CE MSE E 66 18.74 -25.02 -17.85
N ASN E 67 15.59 -28.34 -13.31
CA ASN E 67 14.22 -28.79 -13.06
C ASN E 67 13.16 -28.03 -13.85
N ARG E 68 11.90 -28.40 -13.70
CA ARG E 68 10.80 -27.79 -14.48
C ARG E 68 10.67 -26.29 -14.23
N VAL E 69 10.85 -25.86 -12.97
CA VAL E 69 10.81 -24.45 -12.66
C VAL E 69 11.78 -23.66 -13.53
N VAL E 70 13.01 -24.13 -13.62
CA VAL E 70 14.00 -23.45 -14.44
C VAL E 70 13.62 -23.53 -15.93
N ARG E 71 13.20 -24.71 -16.37
CA ARG E 71 12.81 -24.91 -17.78
C ARG E 71 11.69 -23.94 -18.14
N ASN E 72 10.74 -23.82 -17.22
CA ASN E 72 9.60 -22.93 -17.42
C ASN E 72 9.97 -21.46 -17.52
N ASN E 73 10.87 -21.01 -16.66
CA ASN E 73 11.38 -19.65 -16.73
C ASN E 73 12.12 -19.34 -18.05
N LEU E 74 12.62 -20.40 -18.68
CA LEU E 74 13.39 -20.29 -19.91
C LEU E 74 12.54 -20.61 -21.14
N CYS E 75 11.27 -20.94 -20.89
CA CYS E 75 10.33 -21.34 -21.94
C CYS E 75 10.84 -22.47 -22.80
N VAL E 76 11.46 -23.47 -22.18
CA VAL E 76 11.93 -24.64 -22.92
C VAL E 76 11.33 -25.93 -22.42
N HIS E 77 11.41 -26.96 -23.26
CA HIS E 77 11.07 -28.31 -22.87
C HIS E 77 12.34 -29.13 -22.71
N LEU E 78 12.21 -30.33 -22.15
CA LEU E 78 13.29 -31.31 -22.18
C LEU E 78 13.76 -31.49 -23.62
N SER E 79 15.08 -31.64 -23.80
CA SER E 79 15.71 -31.78 -25.13
C SER E 79 15.68 -30.54 -26.03
N ASP E 80 15.19 -29.40 -25.51
CA ASP E 80 15.43 -28.12 -26.18
C ASP E 80 16.84 -27.65 -25.82
N VAL E 81 17.26 -26.48 -26.33
CA VAL E 81 18.63 -26.01 -26.15
C VAL E 81 18.64 -24.65 -25.47
N VAL E 82 19.49 -24.50 -24.47
CA VAL E 82 19.68 -23.19 -23.83
C VAL E 82 21.17 -22.84 -23.80
N SER E 83 21.46 -21.56 -23.63
CA SER E 83 22.85 -21.16 -23.46
C SER E 83 23.12 -20.86 -22.00
N VAL E 84 24.38 -21.03 -21.61
CA VAL E 84 24.82 -20.77 -20.25
C VAL E 84 26.09 -19.93 -20.32
N GLN E 85 26.12 -18.86 -19.53
CA GLN E 85 27.27 -17.95 -19.48
C GLN E 85 27.53 -17.49 -18.06
N SER E 86 28.79 -17.22 -17.73
CA SER E 86 29.11 -16.68 -16.43
C SER E 86 28.40 -15.34 -16.24
N CYS E 87 27.89 -15.12 -15.04
CA CYS E 87 27.20 -13.88 -14.70
C CYS E 87 27.84 -13.42 -13.41
N PRO E 88 28.87 -12.59 -13.52
CA PRO E 88 29.71 -12.35 -12.33
C PRO E 88 29.20 -11.30 -11.37
N ASP E 89 28.15 -10.60 -11.78
N ASP E 89 28.19 -10.53 -11.76
CA ASP E 89 27.68 -9.39 -11.10
CA ASP E 89 27.79 -9.39 -10.95
C ASP E 89 26.35 -9.50 -10.38
C ASP E 89 26.36 -9.51 -10.41
N VAL E 90 26.03 -10.66 -9.84
CA VAL E 90 24.74 -10.82 -9.18
C VAL E 90 24.84 -10.32 -7.74
N LYS E 91 24.51 -9.04 -7.55
CA LYS E 91 24.70 -8.41 -6.24
C LYS E 91 23.69 -8.89 -5.23
N TYR E 92 24.02 -8.74 -3.95
CA TYR E 92 23.09 -9.07 -2.89
C TYR E 92 21.91 -8.09 -2.94
N GLY E 93 20.70 -8.62 -2.89
CA GLY E 93 19.50 -7.81 -3.00
C GLY E 93 19.26 -6.95 -1.77
N LYS E 94 18.87 -5.70 -1.99
CA LYS E 94 18.43 -4.85 -0.89
C LYS E 94 16.98 -5.16 -0.57
N ARG E 95 16.15 -5.11 -1.60
CA ARG E 95 14.72 -5.35 -1.52
C ARG E 95 14.25 -6.11 -2.72
N VAL E 96 13.26 -6.99 -2.50
CA VAL E 96 12.64 -7.72 -3.59
C VAL E 96 11.13 -7.74 -3.36
N ARG E 97 10.37 -7.66 -4.45
CA ARG E 97 8.92 -7.86 -4.35
C ARG E 97 8.53 -9.13 -5.05
N ILE E 98 7.97 -10.03 -4.26
CA ILE E 98 7.64 -11.36 -4.70
C ILE E 98 6.19 -11.58 -4.34
N LEU E 99 5.35 -11.94 -5.32
CA LEU E 99 3.93 -12.10 -5.08
C LEU E 99 3.46 -13.47 -5.50
N PRO E 100 2.49 -14.02 -4.75
CA PRO E 100 1.89 -15.31 -5.11
C PRO E 100 1.08 -15.17 -6.41
N ILE E 101 0.94 -16.27 -7.17
CA ILE E 101 0.25 -16.22 -8.47
C ILE E 101 -1.30 -16.32 -8.47
N ASP E 102 -1.89 -17.48 -8.17
CA ASP E 102 -3.36 -17.59 -8.31
C ASP E 102 -4.13 -17.51 -6.99
N ASN E 111 2.75 -15.26 7.41
CA ASN E 111 2.02 -16.19 6.57
C ASN E 111 2.84 -16.66 5.37
N LEU E 112 2.74 -15.96 4.24
CA LEU E 112 3.50 -16.35 3.06
C LEU E 112 5.00 -16.22 3.32
N PHE E 113 5.40 -15.12 3.94
CA PHE E 113 6.81 -14.96 4.28
C PHE E 113 7.28 -16.01 5.28
N GLU E 114 6.55 -16.11 6.39
CA GLU E 114 6.96 -17.01 7.47
C GLU E 114 6.93 -18.48 7.06
N ILE E 115 5.87 -18.90 6.37
CA ILE E 115 5.69 -20.30 6.03
C ILE E 115 6.40 -20.68 4.71
N TYR E 116 6.34 -19.80 3.72
CA TYR E 116 6.89 -20.13 2.39
C TYR E 116 8.26 -19.51 2.10
N LEU E 117 8.30 -18.19 1.98
CA LEU E 117 9.47 -17.53 1.42
C LEU E 117 10.71 -17.55 2.33
N LYS E 118 10.54 -17.26 3.62
CA LYS E 118 11.68 -17.29 4.54
C LYS E 118 12.43 -18.65 4.55
N PRO E 119 11.74 -19.77 4.81
CA PRO E 119 12.45 -21.04 4.80
C PRO E 119 13.03 -21.38 3.41
N TYR E 120 12.36 -20.98 2.34
CA TYR E 120 12.86 -21.19 0.97
C TYR E 120 14.22 -20.55 0.78
N PHE E 121 14.33 -19.31 1.21
CA PHE E 121 15.52 -18.52 1.00
C PHE E 121 16.62 -18.67 2.06
N LEU E 122 16.23 -19.04 3.27
CA LEU E 122 17.14 -18.97 4.44
C LEU E 122 18.50 -19.65 4.25
N GLU E 123 19.58 -18.85 4.27
N GLU E 123 19.55 -18.83 4.23
CA GLU E 123 20.96 -19.33 4.19
CA GLU E 123 20.93 -19.28 4.20
C GLU E 123 21.26 -20.04 2.88
C GLU E 123 21.26 -20.02 2.91
N ALA E 124 20.38 -19.86 1.90
CA ALA E 124 20.53 -20.54 0.62
C ALA E 124 21.21 -19.71 -0.46
N TYR E 125 21.28 -18.39 -0.27
CA TYR E 125 21.92 -17.47 -1.22
C TYR E 125 21.46 -17.69 -2.67
N ARG E 126 20.15 -17.89 -2.82
CA ARG E 126 19.54 -18.12 -4.13
C ARG E 126 19.59 -16.88 -5.02
N PRO E 127 20.01 -17.07 -6.27
CA PRO E 127 19.81 -15.95 -7.17
C PRO E 127 18.38 -15.97 -7.68
N ILE E 128 17.82 -14.79 -7.95
CA ILE E 128 16.49 -14.71 -8.55
C ILE E 128 16.54 -13.62 -9.62
N HIS E 129 15.63 -13.70 -10.59
CA HIS E 129 15.61 -12.81 -11.73
C HIS E 129 14.22 -12.25 -11.85
N MSE E 130 14.11 -10.97 -12.17
CA MSE E 130 12.79 -10.39 -12.37
C MSE E 130 12.07 -11.16 -13.47
O MSE E 130 12.65 -11.45 -14.55
CB MSE E 130 12.89 -8.89 -12.69
CG MSE E 130 13.28 -8.06 -11.47
SE MSE E 130 13.61 -6.18 -11.86
CE MSE E 130 11.97 -5.81 -12.88
N GLY E 131 10.85 -11.57 -13.19
CA GLY E 131 10.05 -12.26 -14.18
C GLY E 131 10.03 -13.74 -13.91
N ASP E 132 10.97 -14.21 -13.09
CA ASP E 132 10.94 -15.59 -12.62
C ASP E 132 9.63 -15.95 -11.97
N ASN E 133 9.13 -17.14 -12.30
CA ASN E 133 8.16 -17.79 -11.46
C ASN E 133 8.86 -18.94 -10.75
N PHE E 134 8.46 -19.21 -9.53
CA PHE E 134 9.00 -20.37 -8.84
C PHE E 134 8.00 -20.96 -7.86
N ILE E 135 8.16 -22.25 -7.60
CA ILE E 135 7.24 -22.92 -6.73
C ILE E 135 7.90 -23.27 -5.41
N VAL E 136 7.21 -22.94 -4.33
CA VAL E 136 7.59 -23.29 -2.96
C VAL E 136 6.63 -24.32 -2.39
N ARG E 137 7.19 -25.40 -1.87
CA ARG E 137 6.40 -26.51 -1.38
C ARG E 137 6.49 -26.55 0.15
N ALA E 138 5.48 -26.01 0.82
CA ALA E 138 5.50 -25.91 2.28
C ALA E 138 4.09 -26.05 2.82
N ALA E 139 3.99 -26.22 4.14
CA ALA E 139 2.70 -26.42 4.81
C ALA E 139 1.90 -27.55 4.17
N MSE E 140 0.70 -27.22 3.68
CA MSE E 140 -0.19 -28.24 3.11
C MSE E 140 -0.47 -28.02 1.64
O MSE E 140 -1.35 -28.67 1.08
CB MSE E 140 -1.54 -28.21 3.84
CG MSE E 140 -1.42 -28.19 5.33
SE MSE E 140 -3.17 -28.07 6.15
CE MSE E 140 -3.49 -26.20 5.87
N ARG E 141 0.27 -27.12 1.01
CA ARG E 141 -0.08 -26.67 -0.32
C ARG E 141 1.10 -26.03 -1.05
N PRO E 142 1.33 -26.44 -2.31
CA PRO E 142 2.38 -25.72 -3.05
C PRO E 142 1.85 -24.36 -3.47
N ILE E 143 2.72 -23.37 -3.48
CA ILE E 143 2.33 -22.06 -3.97
C ILE E 143 3.35 -21.56 -4.99
N GLU E 144 2.86 -21.03 -6.11
CA GLU E 144 3.73 -20.45 -7.12
C GLU E 144 3.87 -18.95 -6.92
N PHE E 145 5.10 -18.45 -7.00
CA PHE E 145 5.36 -17.03 -6.81
C PHE E 145 5.94 -16.41 -8.06
N LYS E 146 5.81 -15.09 -8.17
CA LYS E 146 6.48 -14.34 -9.23
C LYS E 146 7.43 -13.30 -8.66
N VAL E 147 8.60 -13.19 -9.28
CA VAL E 147 9.52 -12.13 -8.92
C VAL E 147 9.17 -10.86 -9.71
N VAL E 148 8.48 -9.93 -9.04
CA VAL E 148 8.01 -8.70 -9.67
C VAL E 148 9.09 -7.64 -9.86
N LEU E 149 9.84 -7.38 -8.80
CA LEU E 149 10.86 -6.34 -8.88
C LEU E 149 12.02 -6.74 -8.01
N THR E 150 13.23 -6.37 -8.39
CA THR E 150 14.38 -6.51 -7.49
C THR E 150 15.16 -5.21 -7.43
N ASP E 151 15.87 -5.00 -6.33
CA ASP E 151 16.79 -3.89 -6.21
C ASP E 151 18.09 -4.39 -5.59
N PRO E 152 19.18 -4.42 -6.39
CA PRO E 152 19.28 -3.98 -7.79
C PRO E 152 18.57 -4.86 -8.83
N GLU E 153 18.47 -4.31 -10.04
CA GLU E 153 17.86 -4.97 -11.19
C GLU E 153 18.91 -5.56 -12.13
N PRO E 154 18.54 -6.57 -12.95
CA PRO E 154 17.27 -7.31 -13.02
C PRO E 154 17.37 -8.61 -12.25
N TYR E 155 18.45 -8.77 -11.50
CA TYR E 155 18.66 -9.99 -10.73
C TYR E 155 19.47 -9.70 -9.47
N CYS E 156 19.40 -10.61 -8.51
CA CYS E 156 20.11 -10.41 -7.24
C CYS E 156 20.15 -11.72 -6.48
N ILE E 157 20.97 -11.75 -5.44
CA ILE E 157 21.01 -12.85 -4.50
C ILE E 157 20.09 -12.51 -3.34
N VAL E 158 19.20 -13.42 -2.93
CA VAL E 158 18.47 -13.20 -1.70
C VAL E 158 19.39 -13.58 -0.52
N ALA E 159 19.96 -12.55 0.09
CA ALA E 159 20.99 -12.65 1.12
C ALA E 159 20.41 -12.23 2.47
N PRO E 160 21.18 -12.37 3.56
CA PRO E 160 20.56 -11.93 4.82
C PRO E 160 20.16 -10.45 4.84
N GLU E 161 20.85 -9.60 4.09
CA GLU E 161 20.55 -8.16 4.08
C GLU E 161 19.31 -7.82 3.24
N THR E 162 18.79 -8.82 2.55
CA THR E 162 17.64 -8.67 1.66
C THR E 162 16.32 -8.56 2.42
N VAL E 163 15.46 -7.65 1.97
CA VAL E 163 14.12 -7.52 2.55
C VAL E 163 13.06 -7.90 1.52
N ILE E 164 12.19 -8.84 1.88
CA ILE E 164 11.18 -9.31 0.94
C ILE E 164 9.85 -8.61 1.18
N PHE E 165 9.36 -7.93 0.15
CA PHE E 165 8.04 -7.34 0.19
C PHE E 165 7.06 -8.22 -0.54
N CYS E 166 6.23 -8.93 0.22
CA CYS E 166 5.30 -9.88 -0.36
C CYS E 166 3.83 -9.69 0.06
N ASP E 167 3.47 -8.47 0.43
CA ASP E 167 2.10 -8.20 0.88
C ASP E 167 1.21 -7.68 -0.26
N ASP F 8 51.63 -20.11 -14.58
CA ASP F 8 51.86 -20.23 -13.13
C ASP F 8 50.63 -19.89 -12.28
N LYS F 9 49.97 -18.79 -12.62
CA LYS F 9 48.87 -18.26 -11.79
C LYS F 9 47.67 -19.20 -11.65
N ILE F 10 47.03 -19.14 -10.50
CA ILE F 10 45.77 -19.86 -10.27
C ILE F 10 44.62 -18.86 -10.13
N LEU F 11 43.40 -19.37 -10.13
CA LEU F 11 42.21 -18.54 -10.02
C LEU F 11 41.61 -18.66 -8.64
N ILE F 12 41.43 -17.53 -7.97
CA ILE F 12 40.72 -17.48 -6.71
C ILE F 12 39.44 -16.67 -6.90
N ARG F 13 38.30 -17.22 -6.48
CA ARG F 13 37.04 -16.48 -6.59
C ARG F 13 36.65 -15.86 -5.26
N VAL F 14 36.30 -14.57 -5.30
CA VAL F 14 35.89 -13.83 -4.12
C VAL F 14 34.40 -13.48 -4.13
N GLN F 15 33.63 -14.09 -3.22
CA GLN F 15 32.21 -13.78 -3.05
C GLN F 15 32.04 -12.61 -2.12
N SER F 16 31.45 -11.53 -2.62
CA SER F 16 31.08 -10.41 -1.76
C SER F 16 29.64 -10.01 -2.09
N ALA F 17 29.15 -8.95 -1.46
CA ALA F 17 27.82 -8.44 -1.76
C ALA F 17 27.70 -7.86 -3.16
N GLU F 18 28.83 -7.63 -3.82
CA GLU F 18 28.81 -7.10 -5.18
C GLU F 18 28.85 -8.20 -6.24
N GLY F 19 29.05 -9.45 -5.83
CA GLY F 19 29.07 -10.53 -6.80
C GLY F 19 30.24 -11.46 -6.60
N ILE F 20 30.69 -12.10 -7.67
CA ILE F 20 31.81 -13.03 -7.60
C ILE F 20 32.95 -12.53 -8.45
N LYS F 21 34.03 -12.10 -7.79
CA LYS F 21 35.18 -11.53 -8.48
C LYS F 21 36.30 -12.57 -8.65
N ARG F 22 36.79 -12.71 -9.89
CA ARG F 22 37.85 -13.65 -10.19
C ARG F 22 39.21 -12.96 -10.03
N ILE F 23 40.07 -13.55 -9.20
CA ILE F 23 41.43 -13.06 -8.97
C ILE F 23 42.43 -14.06 -9.54
N GLU F 24 43.29 -13.62 -10.45
CA GLU F 24 44.39 -14.46 -10.94
C GLU F 24 45.67 -14.16 -10.16
N ILE F 25 46.27 -15.19 -9.56
CA ILE F 25 47.38 -14.96 -8.65
C ILE F 25 48.32 -16.17 -8.55
N SER F 26 49.61 -15.90 -8.36
CA SER F 26 50.58 -16.96 -8.14
C SER F 26 50.33 -17.68 -6.82
N PRO F 27 50.33 -19.02 -6.83
CA PRO F 27 50.23 -19.76 -5.59
C PRO F 27 51.43 -19.50 -4.69
N LYS F 28 52.50 -18.92 -5.25
CA LYS F 28 53.72 -18.60 -4.49
C LYS F 28 53.71 -17.20 -3.90
N SER F 29 52.66 -16.44 -4.18
CA SER F 29 52.48 -15.14 -3.55
C SER F 29 52.06 -15.34 -2.13
N ASN F 30 52.14 -14.29 -1.33
CA ASN F 30 51.74 -14.40 0.06
C ASN F 30 50.31 -13.90 0.24
N LEU F 31 49.71 -14.20 1.38
CA LEU F 31 48.34 -13.79 1.64
C LEU F 31 48.17 -12.27 1.62
N LYS F 32 49.21 -11.53 2.03
CA LYS F 32 49.16 -10.06 1.94
C LYS F 32 48.96 -9.63 0.49
N HIS F 33 49.64 -10.30 -0.42
CA HIS F 33 49.49 -9.99 -1.84
C HIS F 33 48.07 -10.27 -2.34
N LEU F 34 47.45 -11.32 -1.82
CA LEU F 34 46.05 -11.63 -2.17
C LEU F 34 45.11 -10.51 -1.75
N TYR F 35 45.27 -10.05 -0.51
CA TYR F 35 44.47 -8.94 0.01
C TYR F 35 44.60 -7.68 -0.83
N ASP F 36 45.83 -7.32 -1.18
CA ASP F 36 46.08 -6.15 -2.00
C ASP F 36 45.43 -6.26 -3.38
N SER F 37 45.54 -7.44 -3.99
CA SER F 37 44.89 -7.71 -5.27
C SER F 37 43.38 -7.59 -5.18
N VAL F 38 42.80 -8.16 -4.12
CA VAL F 38 41.37 -8.09 -3.87
C VAL F 38 40.93 -6.64 -3.63
N GLN F 39 41.71 -5.92 -2.85
CA GLN F 39 41.44 -4.50 -2.58
C GLN F 39 41.47 -3.68 -3.88
N ASN F 40 42.46 -3.94 -4.73
CA ASN F 40 42.55 -3.25 -6.01
C ASN F 40 41.43 -3.63 -6.96
N ALA F 41 40.94 -4.87 -6.85
CA ALA F 41 39.91 -5.30 -7.78
C ALA F 41 38.51 -4.85 -7.36
N LEU F 42 38.27 -4.70 -6.07
CA LEU F 42 36.91 -4.44 -5.59
C LEU F 42 36.77 -3.06 -5.00
N LYS F 43 37.89 -2.39 -4.81
CA LYS F 43 37.92 -1.01 -4.34
C LYS F 43 37.19 -0.84 -3.01
N VAL F 44 37.47 -1.74 -2.07
CA VAL F 44 36.92 -1.59 -0.72
C VAL F 44 38.04 -1.78 0.30
N ASP F 45 37.89 -1.17 1.47
CA ASP F 45 38.83 -1.31 2.59
C ASP F 45 38.27 -2.06 3.78
N GLY F 46 39.18 -2.50 4.66
CA GLY F 46 38.80 -3.04 5.95
C GLY F 46 38.01 -4.32 5.95
N PHE F 47 38.21 -5.14 4.92
CA PHE F 47 37.49 -6.38 4.78
C PHE F 47 38.38 -7.53 5.22
N GLY F 48 37.77 -8.64 5.60
CA GLY F 48 38.52 -9.86 5.81
C GLY F 48 38.10 -10.87 4.77
N LEU F 49 39.00 -11.81 4.45
CA LEU F 49 38.71 -12.91 3.55
C LEU F 49 38.66 -14.19 4.35
N PHE F 50 37.64 -15.01 4.10
CA PHE F 50 37.44 -16.21 4.91
C PHE F 50 37.26 -17.46 4.07
N LYS F 51 37.58 -18.62 4.63
CA LYS F 51 37.51 -19.87 3.88
C LYS F 51 36.10 -20.38 3.68
N GLU F 52 35.21 -19.95 4.56
CA GLU F 52 33.84 -20.42 4.52
C GLU F 52 32.94 -19.24 4.73
N ARG F 53 31.69 -19.38 4.29
CA ARG F 53 30.78 -18.26 4.29
C ARG F 53 30.42 -17.79 5.70
N ASN F 54 30.58 -18.64 6.71
CA ASN F 54 30.23 -18.24 8.07
C ASN F 54 31.32 -17.37 8.69
N PHE F 55 32.39 -17.16 7.93
CA PHE F 55 33.46 -16.26 8.36
C PHE F 55 34.15 -16.76 9.62
N LEU F 56 34.54 -18.03 9.57
CA LEU F 56 35.15 -18.71 10.69
C LEU F 56 36.68 -18.76 10.60
N THR F 57 37.17 -19.20 9.45
CA THR F 57 38.60 -19.30 9.19
C THR F 57 39.10 -18.13 8.36
N GLU F 58 39.70 -17.13 9.01
CA GLU F 58 40.22 -15.97 8.29
C GLU F 58 41.55 -16.28 7.63
N LEU F 59 41.72 -15.83 6.39
CA LEU F 59 43.03 -15.81 5.78
C LEU F 59 43.72 -14.57 6.34
N GLN F 60 44.85 -14.77 7.02
CA GLN F 60 45.54 -13.63 7.62
C GLN F 60 46.41 -12.87 6.61
N ALA F 61 46.10 -11.59 6.43
CA ALA F 61 46.91 -10.71 5.60
C ALA F 61 48.32 -10.54 6.14
N SER F 62 48.45 -10.60 7.46
CA SER F 62 49.69 -10.22 8.12
C SER F 62 50.62 -11.40 8.34
N GLY F 63 50.06 -12.58 8.40
CA GLY F 63 50.88 -13.74 8.65
C GLY F 63 51.41 -14.40 7.41
N SER F 64 51.72 -15.67 7.59
CA SER F 64 52.06 -16.58 6.51
C SER F 64 50.75 -17.38 6.36
N GLN F 65 50.64 -18.32 5.42
CA GLN F 65 51.63 -18.65 4.43
C GLN F 65 51.38 -18.13 3.03
N LEU F 66 51.60 -19.04 2.10
CA LEU F 66 51.53 -18.79 0.68
C LEU F 66 50.10 -18.98 0.25
N VAL F 67 49.70 -18.27 -0.80
CA VAL F 67 48.40 -18.49 -1.41
C VAL F 67 48.21 -19.97 -1.69
N GLY F 68 49.20 -20.58 -2.32
CA GLY F 68 49.12 -21.98 -2.73
C GLY F 68 49.08 -23.04 -1.65
N THR F 69 49.48 -22.69 -0.42
CA THR F 69 49.40 -23.65 0.68
C THR F 69 48.00 -23.64 1.32
N SER F 70 47.32 -22.50 1.24
CA SER F 70 46.02 -22.38 1.86
C SER F 70 44.83 -22.51 0.88
N LEU F 71 45.10 -22.36 -0.41
CA LEU F 71 44.04 -22.33 -1.41
C LEU F 71 44.40 -23.15 -2.65
N ARG F 72 43.39 -23.68 -3.33
CA ARG F 72 43.60 -24.34 -4.62
C ARG F 72 42.95 -23.55 -5.76
N HIS F 73 43.45 -23.78 -6.98
CA HIS F 73 42.88 -23.20 -8.17
C HIS F 73 41.37 -23.36 -8.19
N GLY F 74 40.68 -22.23 -8.37
CA GLY F 74 39.24 -22.23 -8.49
C GLY F 74 38.46 -22.12 -7.19
N ASP F 75 39.17 -22.08 -6.05
CA ASP F 75 38.54 -21.98 -4.73
C ASP F 75 37.77 -20.67 -4.61
N MSE F 76 36.66 -20.72 -3.88
CA MSE F 76 35.92 -19.53 -3.54
C MSE F 76 36.29 -19.15 -2.11
O MSE F 76 36.37 -20.03 -1.24
CB MSE F 76 34.42 -19.82 -3.60
CG MSE F 76 33.55 -18.63 -3.22
SE MSE F 76 32.81 -17.81 -4.84
CE MSE F 76 31.49 -19.20 -5.24
N VAL F 77 36.58 -17.87 -1.88
CA VAL F 77 36.72 -17.37 -0.53
C VAL F 77 35.63 -16.33 -0.29
N TYR F 78 35.39 -16.00 0.97
CA TYR F 78 34.23 -15.21 1.31
C TYR F 78 34.64 -13.91 1.99
N LEU F 79 34.19 -12.80 1.44
CA LEU F 79 34.54 -11.46 1.91
C LEU F 79 33.55 -11.00 2.96
N LYS F 80 34.09 -10.48 4.06
CA LYS F 80 33.31 -9.92 5.14
C LYS F 80 33.66 -8.44 5.17
N GLN F 81 32.64 -7.59 5.13
CA GLN F 81 32.82 -6.15 5.04
C GLN F 81 33.45 -5.55 6.28
N GLY G 1 -30.90 -21.32 -34.55
CA GLY G 1 -31.28 -20.17 -33.73
C GLY G 1 -31.42 -18.90 -34.56
N ALA G 2 -31.65 -17.78 -33.90
CA ALA G 2 -31.71 -16.48 -34.58
C ALA G 2 -30.35 -16.09 -35.16
N MSE G 3 -30.37 -15.38 -36.28
CA MSE G 3 -29.12 -14.95 -36.89
C MSE G 3 -28.54 -13.76 -36.14
O MSE G 3 -27.39 -13.38 -36.36
CB MSE G 3 -29.31 -14.60 -38.38
CG MSE G 3 -29.53 -15.80 -39.29
SE MSE G 3 -28.06 -17.06 -39.16
CE MSE G 3 -26.64 -15.83 -39.74
N GLU G 4 -29.33 -13.17 -35.26
CA GLU G 4 -28.82 -12.15 -34.34
C GLU G 4 -28.70 -12.72 -32.96
N PRO G 5 -27.53 -12.52 -32.34
CA PRO G 5 -27.18 -13.11 -31.04
C PRO G 5 -28.18 -12.83 -29.93
N ASN G 6 -28.79 -11.64 -29.94
CA ASN G 6 -29.65 -11.24 -28.84
C ASN G 6 -31.14 -11.54 -29.05
N ARG G 7 -31.44 -12.21 -30.14
CA ARG G 7 -32.78 -12.73 -30.35
C ARG G 7 -32.80 -14.20 -29.97
N LEU G 8 -33.73 -14.55 -29.08
CA LEU G 8 -33.79 -15.88 -28.49
C LEU G 8 -35.16 -16.53 -28.61
N ILE G 9 -35.16 -17.84 -28.78
CA ILE G 9 -36.39 -18.60 -28.89
C ILE G 9 -36.95 -18.94 -27.51
N VAL G 10 -38.19 -18.53 -27.26
CA VAL G 10 -38.81 -18.61 -25.93
C VAL G 10 -39.10 -20.04 -25.47
N GLU G 11 -38.69 -20.36 -24.24
CA GLU G 11 -38.93 -21.68 -23.66
C GLU G 11 -39.48 -21.55 -22.23
N GLU G 12 -40.20 -22.55 -21.72
CA GLU G 12 -40.78 -22.46 -20.37
C GLU G 12 -39.70 -22.32 -19.30
N ALA G 13 -39.98 -21.55 -18.27
CA ALA G 13 -39.06 -21.45 -17.14
C ALA G 13 -39.18 -22.64 -16.19
N GLN G 14 -38.07 -23.09 -15.62
CA GLN G 14 -38.13 -24.10 -14.57
C GLN G 14 -38.45 -23.43 -13.24
N ASN G 15 -37.91 -22.23 -13.06
CA ASN G 15 -38.10 -21.42 -11.85
C ASN G 15 -39.23 -20.44 -12.09
N ASP G 16 -40.38 -20.70 -11.47
CA ASP G 16 -41.54 -19.83 -11.63
C ASP G 16 -41.38 -18.54 -10.84
N ASP G 17 -40.76 -17.55 -11.46
CA ASP G 17 -40.56 -16.25 -10.83
C ASP G 17 -40.85 -15.21 -11.91
N ASN G 18 -41.87 -14.38 -11.67
CA ASN G 18 -42.28 -13.34 -12.60
C ASN G 18 -41.19 -12.38 -13.01
N SER G 19 -40.12 -12.30 -12.22
CA SER G 19 -39.10 -11.27 -12.42
C SER G 19 -37.84 -11.75 -13.12
N VAL G 20 -37.77 -13.05 -13.42
CA VAL G 20 -36.53 -13.64 -13.89
C VAL G 20 -36.62 -14.20 -15.31
N VAL G 21 -35.59 -13.94 -16.12
CA VAL G 21 -35.40 -14.70 -17.35
C VAL G 21 -34.07 -15.46 -17.27
N SER G 22 -34.00 -16.63 -17.88
CA SER G 22 -32.80 -17.45 -17.80
C SER G 22 -32.18 -17.70 -19.17
N LEU G 23 -30.85 -17.68 -19.22
CA LEU G 23 -30.06 -17.98 -20.42
C LEU G 23 -28.97 -18.98 -20.08
N SER G 24 -28.36 -19.59 -21.08
CA SER G 24 -27.17 -20.39 -20.86
C SER G 24 -26.05 -19.44 -20.49
N GLN G 25 -25.09 -19.89 -19.70
CA GLN G 25 -23.95 -19.03 -19.39
C GLN G 25 -23.21 -18.61 -20.67
N ALA G 26 -23.15 -19.50 -21.64
CA ALA G 26 -22.47 -19.19 -22.90
C ALA G 26 -23.13 -18.01 -23.61
N LYS G 27 -24.46 -18.03 -23.70
CA LYS G 27 -25.18 -16.92 -24.30
C LYS G 27 -24.94 -15.62 -23.53
N MSE G 28 -24.92 -15.72 -22.20
CA MSE G 28 -24.69 -14.56 -21.36
C MSE G 28 -23.28 -14.04 -21.60
O MSE G 28 -23.06 -12.83 -21.73
CB MSE G 28 -24.89 -14.89 -19.88
CG MSE G 28 -26.31 -15.40 -19.56
SE MSE G 28 -26.63 -15.73 -17.65
CE MSE G 28 -26.03 -13.97 -17.01
N ASP G 29 -22.33 -14.98 -21.72
CA ASP G 29 -20.96 -14.64 -22.05
C ASP G 29 -20.92 -13.89 -23.37
N GLU G 30 -21.63 -14.43 -24.37
CA GLU G 30 -21.67 -13.84 -25.72
C GLU G 30 -22.25 -12.44 -25.74
N LEU G 31 -23.31 -12.22 -24.97
CA LEU G 31 -24.01 -10.95 -24.96
C LEU G 31 -23.47 -10.00 -23.90
N GLN G 32 -22.50 -10.49 -23.13
CA GLN G 32 -21.96 -9.72 -22.01
C GLN G 32 -23.04 -9.36 -21.00
N LEU G 33 -23.78 -10.37 -20.55
CA LEU G 33 -24.74 -10.22 -19.47
C LEU G 33 -24.28 -10.98 -18.23
N PHE G 34 -24.59 -10.46 -17.06
CA PHE G 34 -24.09 -11.06 -15.83
C PHE G 34 -25.18 -11.31 -14.81
N ARG G 35 -24.98 -12.31 -13.97
CA ARG G 35 -25.99 -12.76 -13.02
C ARG G 35 -26.56 -11.60 -12.22
N GLY G 36 -27.88 -11.42 -12.30
CA GLY G 36 -28.56 -10.36 -11.57
C GLY G 36 -28.72 -9.05 -12.31
N ASP G 37 -28.12 -8.96 -13.49
CA ASP G 37 -28.32 -7.81 -14.40
C ASP G 37 -29.80 -7.56 -14.70
N THR G 38 -30.19 -6.29 -14.74
CA THR G 38 -31.48 -5.93 -15.28
C THR G 38 -31.43 -5.91 -16.80
N VAL G 39 -32.37 -6.62 -17.43
CA VAL G 39 -32.43 -6.66 -18.88
C VAL G 39 -33.80 -6.25 -19.41
N ILE G 40 -33.79 -5.54 -20.53
CA ILE G 40 -35.01 -5.17 -21.20
C ILE G 40 -35.34 -6.17 -22.30
N LEU G 41 -36.57 -6.69 -22.29
CA LEU G 41 -37.02 -7.66 -23.27
C LEU G 41 -37.99 -7.03 -24.24
N LYS G 42 -37.91 -7.43 -25.52
CA LYS G 42 -38.82 -6.91 -26.54
C LYS G 42 -39.52 -8.05 -27.26
N GLY G 43 -40.84 -7.99 -27.31
CA GLY G 43 -41.61 -9.05 -27.93
C GLY G 43 -42.46 -8.58 -29.10
N LYS G 44 -43.67 -9.12 -29.20
CA LYS G 44 -44.58 -8.74 -30.26
C LYS G 44 -45.40 -7.49 -29.90
N ARG G 45 -46.07 -6.92 -30.90
CA ARG G 45 -46.96 -5.77 -30.68
C ARG G 45 -46.25 -4.64 -29.93
N ARG G 46 -44.97 -4.47 -30.20
CA ARG G 46 -44.14 -3.46 -29.53
C ARG G 46 -44.07 -3.56 -28.01
N LYS G 47 -44.41 -4.71 -27.45
CA LYS G 47 -44.33 -4.89 -25.99
C LYS G 47 -42.90 -4.95 -25.48
N GLU G 48 -42.67 -4.33 -24.33
CA GLU G 48 -41.40 -4.46 -23.63
C GLU G 48 -41.65 -4.73 -22.14
N THR G 49 -40.68 -5.37 -21.49
CA THR G 49 -40.74 -5.54 -20.03
C THR G 49 -39.32 -5.71 -19.51
N VAL G 50 -39.15 -5.55 -18.20
CA VAL G 50 -37.83 -5.70 -17.56
C VAL G 50 -37.79 -6.93 -16.67
N CYS G 51 -36.70 -7.69 -16.74
CA CYS G 51 -36.46 -8.82 -15.84
C CYS G 51 -35.04 -8.85 -15.32
N ILE G 52 -34.81 -9.75 -14.38
CA ILE G 52 -33.47 -10.02 -13.88
C ILE G 52 -32.96 -11.25 -14.64
N VAL G 53 -31.73 -11.20 -15.13
CA VAL G 53 -31.19 -12.33 -15.88
C VAL G 53 -30.35 -13.29 -15.02
N LEU G 54 -30.68 -14.59 -15.08
CA LEU G 54 -29.93 -15.61 -14.35
C LEU G 54 -29.49 -16.72 -15.32
N SER G 55 -28.36 -17.35 -15.03
CA SER G 55 -27.90 -18.51 -15.81
C SER G 55 -28.71 -19.77 -15.49
N ASP G 56 -28.82 -20.66 -16.47
CA ASP G 56 -29.51 -21.93 -16.29
C ASP G 56 -28.72 -22.95 -17.10
N ASP G 57 -28.09 -23.92 -16.43
CA ASP G 57 -27.21 -24.86 -17.14
C ASP G 57 -27.93 -25.86 -18.04
N THR G 58 -29.26 -25.94 -17.99
CA THR G 58 -29.93 -26.83 -18.93
C THR G 58 -30.62 -26.04 -20.05
N CYS G 59 -30.39 -24.73 -20.07
CA CYS G 59 -30.92 -23.89 -21.13
C CYS G 59 -30.04 -23.93 -22.37
N PRO G 60 -30.60 -24.36 -23.51
CA PRO G 60 -29.85 -24.35 -24.77
C PRO G 60 -29.46 -22.92 -25.13
N ASP G 61 -28.28 -22.73 -25.73
CA ASP G 61 -27.75 -21.38 -25.99
C ASP G 61 -28.72 -20.42 -26.67
N GLU G 62 -29.47 -20.89 -27.66
N GLU G 62 -29.49 -20.92 -27.64
CA GLU G 62 -30.30 -20.00 -28.45
CA GLU G 62 -30.32 -20.08 -28.50
C GLU G 62 -31.71 -19.84 -27.91
C GLU G 62 -31.70 -19.84 -27.92
N LYS G 63 -31.92 -20.31 -26.69
CA LYS G 63 -33.21 -20.26 -26.05
C LYS G 63 -33.22 -19.30 -24.88
N ILE G 64 -34.40 -18.78 -24.53
CA ILE G 64 -34.57 -17.97 -23.34
C ILE G 64 -35.72 -18.55 -22.52
N ARG G 65 -35.51 -18.72 -21.22
CA ARG G 65 -36.54 -19.28 -20.37
C ARG G 65 -37.23 -18.20 -19.54
N MSE G 66 -38.54 -18.24 -19.54
CA MSE G 66 -39.36 -17.24 -18.86
C MSE G 66 -40.73 -17.85 -18.62
O MSE G 66 -41.21 -18.68 -19.41
CB MSE G 66 -39.47 -16.00 -19.73
CG MSE G 66 -39.89 -16.31 -21.15
SE MSE G 66 -40.32 -14.73 -22.26
CE MSE G 66 -38.52 -14.04 -22.35
N ASN G 67 -41.37 -17.46 -17.53
CA ASN G 67 -42.67 -18.01 -17.19
C ASN G 67 -43.77 -17.32 -17.96
N ARG G 68 -45.00 -17.76 -17.72
N ARG G 68 -45.02 -17.74 -17.74
CA ARG G 68 -46.15 -17.29 -18.48
CA ARG G 68 -46.13 -17.22 -18.54
C ARG G 68 -46.44 -15.78 -18.30
C ARG G 68 -46.46 -15.75 -18.30
N VAL G 69 -46.27 -15.26 -17.08
CA VAL G 69 -46.43 -13.84 -16.81
C VAL G 69 -45.55 -12.99 -17.72
N VAL G 70 -44.28 -13.35 -17.81
CA VAL G 70 -43.36 -12.60 -18.66
C VAL G 70 -43.76 -12.73 -20.14
N ARG G 71 -44.05 -13.97 -20.56
CA ARG G 71 -44.46 -14.21 -21.95
C ARG G 71 -45.66 -13.37 -22.32
N ASN G 72 -46.63 -13.30 -21.40
CA ASN G 72 -47.85 -12.52 -21.63
C ASN G 72 -47.58 -11.03 -21.74
N ASN G 73 -46.69 -10.52 -20.90
CA ASN G 73 -46.28 -9.13 -21.00
C ASN G 73 -45.60 -8.82 -22.32
N LEU G 74 -45.05 -9.85 -22.95
CA LEU G 74 -44.32 -9.71 -24.21
C LEU G 74 -45.16 -10.14 -25.41
N CYS G 75 -46.40 -10.54 -25.13
CA CYS G 75 -47.32 -11.05 -26.15
C CYS G 75 -46.73 -12.15 -27.01
N VAL G 76 -45.98 -13.06 -26.39
CA VAL G 76 -45.43 -14.18 -27.14
C VAL G 76 -45.89 -15.52 -26.58
N HIS G 77 -45.76 -16.56 -27.39
CA HIS G 77 -46.00 -17.92 -26.98
C HIS G 77 -44.66 -18.62 -26.84
N LEU G 78 -44.66 -19.81 -26.25
CA LEU G 78 -43.49 -20.68 -26.33
C LEU G 78 -43.11 -20.82 -27.82
N SER G 79 -41.82 -20.83 -28.10
CA SER G 79 -41.26 -20.92 -29.46
C SER G 79 -41.42 -19.68 -30.35
N ASP G 80 -41.95 -18.59 -29.79
CA ASP G 80 -41.80 -17.31 -30.45
C ASP G 80 -40.41 -16.76 -30.13
N VAL G 81 -40.12 -15.57 -30.61
CA VAL G 81 -38.78 -15.01 -30.51
C VAL G 81 -38.82 -13.67 -29.80
N VAL G 82 -37.94 -13.48 -28.83
CA VAL G 82 -37.83 -12.17 -28.18
C VAL G 82 -36.38 -11.68 -28.16
N SER G 83 -36.19 -10.39 -27.99
CA SER G 83 -34.84 -9.84 -27.87
C SER G 83 -34.54 -9.50 -26.42
N VAL G 84 -33.27 -9.55 -26.06
CA VAL G 84 -32.82 -9.21 -24.72
C VAL G 84 -31.62 -8.27 -24.82
N GLN G 85 -31.66 -7.19 -24.05
CA GLN G 85 -30.59 -6.20 -24.01
C GLN G 85 -30.38 -5.76 -22.58
N SER G 86 -29.13 -5.45 -22.23
CA SER G 86 -28.86 -4.91 -20.90
C SER G 86 -29.61 -3.60 -20.74
N CYS G 87 -30.16 -3.40 -19.54
CA CYS G 87 -30.91 -2.20 -19.22
C CYS G 87 -30.30 -1.68 -17.92
N PRO G 88 -29.33 -0.77 -18.04
CA PRO G 88 -28.45 -0.41 -16.92
C PRO G 88 -29.02 0.68 -16.04
N ASP G 89 -30.11 1.29 -16.47
CA ASP G 89 -30.66 2.50 -15.83
C ASP G 89 -31.99 2.26 -15.11
N VAL G 90 -32.15 1.08 -14.53
CA VAL G 90 -33.39 0.77 -13.83
C VAL G 90 -33.33 1.28 -12.39
N LYS G 91 -33.81 2.50 -12.21
CA LYS G 91 -33.72 3.20 -10.93
C LYS G 91 -34.67 2.65 -9.87
N TYR G 92 -34.33 2.85 -8.61
CA TYR G 92 -35.21 2.47 -7.53
C TYR G 92 -36.46 3.35 -7.58
N GLY G 93 -37.64 2.72 -7.49
CA GLY G 93 -38.90 3.45 -7.60
C GLY G 93 -39.16 4.35 -6.41
N LYS G 94 -39.62 5.56 -6.67
CA LYS G 94 -40.07 6.45 -5.58
C LYS G 94 -41.48 6.07 -5.21
N ARG G 95 -42.35 6.09 -6.22
CA ARG G 95 -43.77 5.78 -6.08
C ARG G 95 -44.24 5.01 -7.32
N VAL G 96 -45.11 4.04 -7.11
CA VAL G 96 -45.70 3.23 -8.17
C VAL G 96 -47.19 3.03 -7.91
N ARG G 97 -47.99 2.94 -8.97
CA ARG G 97 -49.40 2.58 -8.83
C ARG G 97 -49.72 1.24 -9.48
N ILE G 98 -50.16 0.30 -8.67
CA ILE G 98 -50.37 -1.08 -9.08
C ILE G 98 -51.78 -1.47 -8.65
N LEU G 99 -52.62 -1.88 -9.59
CA LEU G 99 -54.04 -2.06 -9.30
C LEU G 99 -54.49 -3.47 -9.67
N PRO G 100 -55.43 -4.04 -8.90
CA PRO G 100 -55.95 -5.37 -9.26
C PRO G 100 -56.81 -5.29 -10.51
N ILE G 101 -56.83 -6.37 -11.30
CA ILE G 101 -57.58 -6.40 -12.56
C ILE G 101 -59.05 -6.77 -12.37
N ASP G 102 -59.30 -8.02 -12.03
CA ASP G 102 -60.67 -8.56 -11.96
C ASP G 102 -60.83 -9.61 -10.86
N THR G 109 -59.67 -5.59 -3.98
CA THR G 109 -60.69 -6.11 -3.07
C THR G 109 -60.39 -5.75 -1.59
N GLY G 110 -59.85 -6.68 -0.79
CA GLY G 110 -59.53 -6.40 0.61
C GLY G 110 -58.34 -5.46 0.80
N ASN G 111 -57.49 -5.70 1.81
CA ASN G 111 -56.21 -4.98 1.86
C ASN G 111 -55.09 -5.74 1.15
N LEU G 112 -55.00 -5.41 -0.12
CA LEU G 112 -54.09 -5.97 -1.09
C LEU G 112 -52.61 -5.71 -0.81
N PHE G 113 -52.29 -4.52 -0.30
CA PHE G 113 -50.90 -4.21 0.01
C PHE G 113 -50.31 -5.15 1.05
N GLU G 114 -50.98 -5.33 2.17
CA GLU G 114 -50.43 -6.11 3.26
C GLU G 114 -50.19 -7.59 2.96
N ILE G 115 -51.18 -8.23 2.36
CA ILE G 115 -51.10 -9.67 2.11
C ILE G 115 -50.47 -10.03 0.75
N TYR G 116 -50.77 -9.25 -0.28
CA TYR G 116 -50.31 -9.58 -1.65
C TYR G 116 -49.06 -8.82 -2.05
N LEU G 117 -49.18 -7.51 -2.20
CA LEU G 117 -48.11 -6.74 -2.84
C LEU G 117 -46.86 -6.59 -1.98
N LYS G 118 -47.03 -6.25 -0.70
CA LYS G 118 -45.84 -6.14 0.15
C LYS G 118 -44.99 -7.42 0.18
N PRO G 119 -45.58 -8.59 0.53
CA PRO G 119 -44.75 -9.81 0.54
C PRO G 119 -44.18 -10.18 -0.83
N TYR G 120 -44.93 -9.89 -1.88
CA TYR G 120 -44.46 -10.13 -3.25
C TYR G 120 -43.16 -9.40 -3.52
N PHE G 121 -43.12 -8.12 -3.14
CA PHE G 121 -41.96 -7.27 -3.42
C PHE G 121 -40.87 -7.29 -2.35
N LEU G 122 -41.22 -7.61 -1.11
CA LEU G 122 -40.31 -7.40 0.02
C LEU G 122 -38.89 -7.95 -0.15
N GLU G 123 -37.93 -7.03 -0.21
CA GLU G 123 -36.50 -7.37 -0.28
C GLU G 123 -36.13 -8.21 -1.51
N ALA G 124 -37.01 -8.20 -2.51
CA ALA G 124 -36.80 -8.99 -3.73
C ALA G 124 -36.21 -8.17 -4.86
N TYR G 125 -36.27 -6.83 -4.73
CA TYR G 125 -35.72 -5.91 -5.72
C TYR G 125 -36.18 -6.21 -7.15
N ARG G 126 -37.49 -6.46 -7.27
CA ARG G 126 -38.13 -6.73 -8.56
C ARG G 126 -38.20 -5.50 -9.46
N PRO G 127 -37.79 -5.66 -10.74
CA PRO G 127 -38.07 -4.59 -11.68
C PRO G 127 -39.50 -4.71 -12.19
N ILE G 128 -40.15 -3.58 -12.46
CA ILE G 128 -41.46 -3.60 -13.07
C ILE G 128 -41.53 -2.55 -14.15
N HIS G 129 -42.45 -2.75 -15.09
CA HIS G 129 -42.58 -1.87 -16.24
C HIS G 129 -44.03 -1.46 -16.31
N MSE G 130 -44.28 -0.19 -16.58
CA MSE G 130 -45.64 0.29 -16.80
C MSE G 130 -46.31 -0.54 -17.88
O MSE G 130 -45.71 -0.77 -18.93
CB MSE G 130 -45.65 1.77 -17.14
CG MSE G 130 -45.31 2.64 -15.93
SE MSE G 130 -45.05 4.52 -16.39
CE MSE G 130 -46.68 4.79 -17.38
N GLY G 131 -47.51 -1.01 -17.59
CA GLY G 131 -48.23 -1.85 -18.53
C GLY G 131 -48.08 -3.35 -18.25
N ASP G 132 -47.11 -3.73 -17.43
CA ASP G 132 -46.97 -5.12 -16.97
C ASP G 132 -48.23 -5.60 -16.28
N ASN G 133 -48.64 -6.83 -16.60
CA ASN G 133 -49.55 -7.55 -15.73
C ASN G 133 -48.71 -8.58 -15.02
N PHE G 134 -49.08 -8.89 -13.78
CA PHE G 134 -48.42 -9.95 -13.04
C PHE G 134 -49.37 -10.57 -12.04
N ILE G 135 -49.08 -11.81 -11.68
CA ILE G 135 -49.93 -12.57 -10.78
C ILE G 135 -49.24 -12.82 -9.46
N VAL G 136 -49.95 -12.55 -8.36
CA VAL G 136 -49.43 -12.86 -7.04
C VAL G 136 -50.21 -14.00 -6.42
N ARG G 137 -49.51 -15.04 -5.96
CA ARG G 137 -50.15 -16.23 -5.42
C ARG G 137 -49.96 -16.26 -3.91
N ALA G 138 -50.98 -15.79 -3.19
CA ALA G 138 -50.90 -15.64 -1.74
C ALA G 138 -52.27 -15.89 -1.13
N ALA G 139 -52.34 -15.93 0.20
CA ALA G 139 -53.58 -16.15 0.92
C ALA G 139 -54.29 -17.39 0.39
N MSE G 140 -55.50 -17.21 -0.13
CA MSE G 140 -56.26 -18.37 -0.61
C MSE G 140 -56.67 -18.26 -2.06
O MSE G 140 -57.40 -19.09 -2.55
CB MSE G 140 -57.52 -18.56 0.24
CG MSE G 140 -57.23 -18.92 1.69
SE MSE G 140 -58.84 -18.87 2.81
CE MSE G 140 -59.26 -16.97 2.66
N ARG G 141 -56.17 -17.22 -2.74
CA ARG G 141 -56.66 -16.83 -4.05
C ARG G 141 -55.53 -16.13 -4.81
N PRO G 142 -55.29 -16.54 -6.07
CA PRO G 142 -54.33 -15.77 -6.87
C PRO G 142 -54.99 -14.47 -7.32
N ILE G 143 -54.22 -13.38 -7.37
CA ILE G 143 -54.76 -12.13 -7.87
C ILE G 143 -53.85 -11.54 -8.94
N GLU G 144 -54.43 -11.10 -10.05
CA GLU G 144 -53.69 -10.43 -11.12
C GLU G 144 -53.68 -8.92 -10.98
N PHE G 145 -52.51 -8.31 -11.14
CA PHE G 145 -52.34 -6.86 -11.01
C PHE G 145 -51.83 -6.20 -12.29
N LYS G 146 -52.08 -4.89 -12.43
CA LYS G 146 -51.48 -4.14 -13.52
C LYS G 146 -50.62 -3.01 -12.99
N VAL G 147 -49.43 -2.85 -13.57
CA VAL G 147 -48.58 -1.72 -13.22
C VAL G 147 -49.05 -0.52 -14.04
N VAL G 148 -49.83 0.35 -13.40
CA VAL G 148 -50.43 1.51 -14.06
C VAL G 148 -49.45 2.68 -14.28
N LEU G 149 -48.68 3.00 -13.26
CA LEU G 149 -47.73 4.12 -13.29
C LEU G 149 -46.52 3.80 -12.45
N THR G 150 -45.35 4.29 -12.86
CA THR G 150 -44.18 4.27 -12.02
C THR G 150 -43.53 5.64 -12.05
N ASP G 151 -42.84 5.99 -10.98
CA ASP G 151 -42.02 7.19 -10.93
C ASP G 151 -40.70 6.79 -10.30
N PRO G 152 -39.60 6.78 -11.09
CA PRO G 152 -39.56 7.21 -12.49
C PRO G 152 -40.23 6.25 -13.48
N GLU G 153 -40.42 6.76 -14.69
CA GLU G 153 -40.99 6.04 -15.81
C GLU G 153 -39.86 5.57 -16.71
N PRO G 154 -40.12 4.54 -17.55
CA PRO G 154 -41.33 3.72 -17.65
C PRO G 154 -41.15 2.41 -16.89
N TYR G 155 -40.06 2.30 -16.14
CA TYR G 155 -39.74 1.13 -15.37
C TYR G 155 -38.93 1.54 -14.15
N CYS G 156 -38.89 0.68 -13.12
CA CYS G 156 -38.14 0.91 -11.89
C CYS G 156 -38.00 -0.38 -11.10
N ILE G 157 -37.14 -0.35 -10.08
CA ILE G 157 -37.04 -1.42 -9.09
C ILE G 157 -37.97 -1.10 -7.92
N VAL G 158 -38.76 -2.08 -7.48
CA VAL G 158 -39.50 -1.89 -6.22
C VAL G 158 -38.55 -2.16 -5.05
N ALA G 159 -38.05 -1.07 -4.47
CA ALA G 159 -37.00 -1.08 -3.46
C ALA G 159 -37.57 -0.68 -2.08
N PRO G 160 -36.77 -0.78 -1.01
CA PRO G 160 -37.33 -0.40 0.31
C PRO G 160 -37.85 1.03 0.36
N GLU G 161 -37.27 1.93 -0.44
CA GLU G 161 -37.75 3.31 -0.48
C GLU G 161 -39.04 3.51 -1.29
N THR G 162 -39.48 2.46 -1.99
CA THR G 162 -40.65 2.59 -2.87
C THR G 162 -41.96 2.63 -2.08
N VAL G 163 -42.87 3.47 -2.54
CA VAL G 163 -44.23 3.59 -2.00
C VAL G 163 -45.24 3.10 -3.02
N ILE G 164 -46.05 2.15 -2.61
CA ILE G 164 -47.03 1.54 -3.50
C ILE G 164 -48.43 2.06 -3.24
N PHE G 165 -49.05 2.59 -4.30
CA PHE G 165 -50.46 3.01 -4.28
C PHE G 165 -51.29 1.95 -4.97
N CYS G 166 -52.15 1.24 -4.23
CA CYS G 166 -52.92 0.17 -4.88
C CYS G 166 -54.43 0.24 -4.71
N ASP G 167 -54.99 1.43 -4.46
CA ASP G 167 -56.44 1.49 -4.19
C ASP G 167 -57.18 2.82 -4.41
N GLY G 168 -56.53 3.82 -4.99
CA GLY G 168 -57.27 5.05 -5.29
C GLY G 168 -57.87 5.82 -4.12
N ASP G 169 -57.27 5.68 -2.94
CA ASP G 169 -57.38 6.69 -1.90
C ASP G 169 -57.05 7.99 -2.63
N PRO G 170 -57.88 9.05 -2.44
CA PRO G 170 -57.57 10.25 -3.22
C PRO G 170 -56.22 10.82 -2.80
N ILE G 171 -55.51 11.43 -3.75
CA ILE G 171 -54.22 12.06 -3.49
C ILE G 171 -54.39 13.41 -2.77
N ARG H 13 -19.28 -4.36 -11.43
CA ARG H 13 -20.73 -4.15 -11.37
C ARG H 13 -21.19 -3.57 -10.04
N VAL H 14 -21.70 -2.35 -10.07
CA VAL H 14 -22.13 -1.67 -8.85
C VAL H 14 -23.65 -1.41 -8.78
N GLN H 15 -24.33 -2.23 -7.98
CA GLN H 15 -25.75 -2.03 -7.73
C GLN H 15 -25.95 -0.83 -6.79
N SER H 16 -26.76 0.12 -7.23
CA SER H 16 -27.06 1.29 -6.42
C SER H 16 -28.49 1.73 -6.69
N ALA H 17 -28.87 2.89 -6.15
CA ALA H 17 -30.23 3.40 -6.35
C ALA H 17 -30.47 3.93 -7.77
N GLU H 18 -29.41 4.19 -8.52
CA GLU H 18 -29.60 4.73 -9.86
C GLU H 18 -29.52 3.64 -10.93
N GLY H 19 -29.33 2.40 -10.50
CA GLY H 19 -29.26 1.30 -11.43
C GLY H 19 -27.98 0.52 -11.25
N ILE H 20 -27.51 -0.11 -12.33
CA ILE H 20 -26.33 -0.96 -12.28
C ILE H 20 -25.22 -0.37 -13.13
N LYS H 21 -24.11 -0.01 -12.49
CA LYS H 21 -22.97 0.61 -13.18
C LYS H 21 -21.82 -0.37 -13.37
N ARG H 22 -21.37 -0.51 -14.61
CA ARG H 22 -20.24 -1.40 -14.87
C ARG H 22 -18.89 -0.68 -14.72
N ILE H 23 -17.99 -1.30 -13.97
CA ILE H 23 -16.65 -0.77 -13.79
C ILE H 23 -15.62 -1.74 -14.33
N LYS H 28 -7.70 -3.98 -12.36
CA LYS H 28 -7.40 -4.69 -11.13
C LYS H 28 -6.28 -3.97 -10.37
N SER H 29 -6.62 -2.80 -9.82
CA SER H 29 -5.66 -1.92 -9.16
C SER H 29 -5.47 -2.32 -7.70
N ASN H 30 -5.94 -1.46 -6.80
CA ASN H 30 -6.17 -1.86 -5.42
C ASN H 30 -7.64 -1.66 -5.09
N LEU H 31 -8.13 -2.29 -4.02
CA LEU H 31 -9.52 -2.14 -3.63
C LEU H 31 -9.87 -0.69 -3.27
N LYS H 32 -8.84 0.13 -3.07
CA LYS H 32 -9.04 1.54 -2.79
C LYS H 32 -9.30 2.31 -4.08
N HIS H 33 -8.75 1.84 -5.19
CA HIS H 33 -8.94 2.51 -6.49
C HIS H 33 -10.34 2.24 -7.05
N LEU H 34 -10.99 1.18 -6.57
CA LEU H 34 -12.36 0.91 -6.97
C LEU H 34 -13.34 1.92 -6.38
N TYR H 35 -13.05 2.38 -5.16
CA TYR H 35 -13.84 3.44 -4.52
C TYR H 35 -13.65 4.79 -5.23
N ASP H 36 -12.82 4.80 -6.27
CA ASP H 36 -12.43 6.03 -6.96
C ASP H 36 -13.18 6.19 -8.27
N SER H 37 -13.12 5.15 -9.09
CA SER H 37 -13.78 5.14 -10.39
C SER H 37 -15.29 5.10 -10.21
N VAL H 38 -15.75 4.35 -9.20
CA VAL H 38 -17.16 4.33 -8.83
C VAL H 38 -17.62 5.75 -8.53
N GLN H 39 -16.87 6.45 -7.69
CA GLN H 39 -17.13 7.87 -7.40
C GLN H 39 -16.97 8.73 -8.66
N ASN H 40 -16.09 8.30 -9.56
CA ASN H 40 -16.04 8.93 -10.88
C ASN H 40 -17.21 8.49 -11.75
N ALA H 41 -17.55 7.21 -11.69
CA ALA H 41 -18.69 6.66 -12.44
C ALA H 41 -20.02 7.28 -12.01
N LEU H 42 -20.30 7.22 -10.72
CA LEU H 42 -21.50 7.83 -10.16
C LEU H 42 -21.05 9.08 -9.44
N LYS H 43 -21.71 10.21 -9.69
CA LYS H 43 -21.28 11.47 -9.10
C LYS H 43 -21.58 11.53 -7.60
N VAL H 44 -21.15 10.51 -6.85
CA VAL H 44 -21.51 10.38 -5.44
C VAL H 44 -20.33 10.13 -4.51
N ASP H 45 -20.51 10.50 -3.24
CA ASP H 45 -19.44 10.55 -2.26
C ASP H 45 -19.58 9.49 -1.17
N GLY H 46 -19.03 9.79 0.02
CA GLY H 46 -18.94 8.88 1.15
C GLY H 46 -19.80 7.61 1.19
N PHE H 47 -19.71 6.82 0.12
CA PHE H 47 -20.43 5.57 0.02
C PHE H 47 -19.58 4.41 0.53
N GLY H 48 -20.23 3.33 0.93
CA GLY H 48 -19.54 2.08 1.18
C GLY H 48 -19.91 1.08 0.10
N LEU H 49 -18.95 0.26 -0.31
CA LEU H 49 -19.24 -0.84 -1.21
C LEU H 49 -19.22 -2.12 -0.38
N PHE H 50 -20.16 -3.01 -0.64
CA PHE H 50 -20.25 -4.23 0.18
C PHE H 50 -20.39 -5.50 -0.66
N LYS H 51 -19.94 -6.63 -0.11
CA LYS H 51 -19.95 -7.90 -0.80
C LYS H 51 -21.39 -8.40 -1.03
N GLU H 52 -22.26 -8.08 -0.08
CA GLU H 52 -23.66 -8.52 -0.13
C GLU H 52 -24.62 -7.34 0.05
N ARG H 53 -25.90 -7.57 -0.20
CA ARG H 53 -26.87 -6.48 -0.25
C ARG H 53 -27.15 -5.93 1.14
N ASN H 54 -27.09 -6.79 2.16
CA ASN H 54 -27.34 -6.36 3.53
C ASN H 54 -26.25 -5.47 4.14
N PHE H 55 -25.24 -5.13 3.33
CA PHE H 55 -24.16 -4.22 3.72
C PHE H 55 -23.39 -4.70 4.97
N LEU H 56 -22.94 -5.95 4.93
CA LEU H 56 -22.26 -6.57 6.06
C LEU H 56 -20.75 -6.55 5.89
N THR H 57 -20.27 -7.08 4.78
CA THR H 57 -18.85 -7.24 4.52
C THR H 57 -18.32 -6.08 3.67
N GLU H 58 -17.76 -5.07 4.33
CA GLU H 58 -17.39 -3.83 3.66
C GLU H 58 -16.07 -3.95 2.89
N GLY H 74 -16.56 -10.38 -12.74
CA GLY H 74 -17.86 -9.75 -12.95
C GLY H 74 -18.82 -9.88 -11.79
N ASP H 75 -18.28 -9.89 -10.57
CA ASP H 75 -19.10 -9.98 -9.37
C ASP H 75 -19.90 -8.69 -9.22
N MSE H 76 -21.04 -8.78 -8.53
CA MSE H 76 -21.79 -7.58 -8.18
C MSE H 76 -21.41 -7.16 -6.77
O MSE H 76 -21.24 -8.00 -5.89
CB MSE H 76 -23.29 -7.85 -8.22
CG MSE H 76 -24.14 -6.64 -7.85
SE MSE H 76 -25.09 -5.85 -9.39
CE MSE H 76 -26.47 -7.23 -9.51
N VAL H 77 -21.26 -5.85 -6.56
CA VAL H 77 -21.15 -5.32 -5.20
C VAL H 77 -22.22 -4.26 -4.96
N TYR H 78 -22.51 -3.99 -3.70
CA TYR H 78 -23.70 -3.23 -3.34
C TYR H 78 -23.36 -1.89 -2.70
N LEU H 79 -23.84 -0.82 -3.33
CA LEU H 79 -23.57 0.55 -2.90
C LEU H 79 -24.51 0.96 -1.77
N LYS H 80 -23.96 1.30 -0.61
CA LYS H 80 -24.73 1.92 0.46
C LYS H 80 -24.32 3.40 0.58
N GLN H 81 -25.30 4.29 0.52
CA GLN H 81 -25.02 5.72 0.49
C GLN H 81 -24.34 6.25 1.74
S SO4 I . 3.72 17.01 13.28
O1 SO4 I . 2.85 16.61 12.21
O2 SO4 I . 4.22 15.84 14.00
O3 SO4 I . 4.85 17.77 12.76
O4 SO4 I . 3.03 17.90 14.23
S SO4 J . 17.58 -0.09 2.11
O1 SO4 J . 16.78 -1.21 1.64
O2 SO4 J . 18.29 0.56 1.01
O3 SO4 J . 16.69 0.88 2.73
O4 SO4 J . 18.54 -0.56 3.11
S SO4 K . 6.60 9.30 6.11
O1 SO4 K . 6.53 8.02 5.37
O2 SO4 K . 5.44 10.10 5.81
O3 SO4 K . 6.73 9.10 7.55
O4 SO4 K . 7.82 10.00 5.71
S SO4 L . 1.55 31.71 15.21
O1 SO4 L . 1.89 30.38 14.71
O2 SO4 L . 0.94 32.48 14.13
O3 SO4 L . 0.61 31.59 16.33
O4 SO4 L . 2.79 32.33 15.70
S SO4 M . -48.11 -20.61 -24.48
O1 SO4 M . -47.29 -20.47 -23.28
O2 SO4 M . -47.25 -20.85 -25.65
O3 SO4 M . -48.99 -21.76 -24.30
O4 SO4 M . -48.92 -19.45 -24.74
S SO4 N . -41.60 -13.59 -36.00
O1 SO4 N . -40.62 -14.55 -36.52
O2 SO4 N . -42.67 -13.39 -36.98
O3 SO4 N . -42.14 -14.11 -34.75
O4 SO4 N . -40.96 -12.31 -35.68
S SO4 O . -52.23 -19.01 -14.25
O1 SO4 O . -52.55 -19.18 -12.84
O2 SO4 O . -52.89 -17.87 -14.85
O3 SO4 O . -52.60 -20.21 -15.00
O4 SO4 O . -50.79 -18.77 -14.29
#